data_4QTH
#
_entry.id   4QTH
#
_cell.length_a   80.080
_cell.length_b   72.920
_cell.length_c   85.550
_cell.angle_alpha   90.00
_cell.angle_beta   105.37
_cell.angle_gamma   90.00
#
_symmetry.space_group_name_H-M   'P 1 21 1'
#
loop_
_entity.id
_entity.type
_entity.pdbx_description
1 polymer 'anti-uPAR antibody, heavy chain'
2 polymer 'anti-uPAR antibody, light chain'
3 water water
#
loop_
_entity_poly.entity_id
_entity_poly.type
_entity_poly.pdbx_seq_one_letter_code
_entity_poly.pdbx_strand_id
1 'polypeptide(L)'
;QVQLQQSGAELMKPGASVKLSCKAAGYTFTAYWIEWIRQRPGHGLEWIGEILPGSSSTNCNEMFKGKATFTADTSSNSAY
MQLSSLTTEDSAIYYCTRDFSGDRSNLYFDVWGTGTTVTVSSAKTTPPSVYPLAPGSAAQTNSMVTLGCLVKGYFPEPVT
VTWNSGSLSSGVHTFPAVLQSDLYTLSSSVTVPSSTWPSETVTCNVAHPASSTKVDKKIVPRDC
;
H,A
2 'polypeptide(L)'
;DIQMTQSPSSLSASLGERVSLTCRASQDIGSSLNWLQQEPDGTIKRLIYATSSLDSGVPKRFSGSRSGSDYSLTISRLES
EDFVDYYCLQYATSPYTFGGGTKLEIKRADAAPTVSIFPPSSEQLTSGGASVVCFLNNFYPKDINVKWKIDGSERQNGVL
NSWTDQDSKDSTYSMSSTLTLTKDEYERHNSYTCEATHKTSTSPIVKSFNRNEC
;
L,B
#
# COMPACT_ATOMS: atom_id res chain seq x y z
N GLN A 1 8.07 17.20 1.90
CA GLN A 1 7.49 15.82 1.86
C GLN A 1 8.56 14.71 1.96
N VAL A 2 9.27 14.69 3.08
CA VAL A 2 10.09 13.53 3.44
C VAL A 2 9.12 12.45 3.93
N GLN A 3 9.16 11.28 3.29
CA GLN A 3 8.32 10.16 3.69
C GLN A 3 9.08 8.84 3.67
N LEU A 4 8.75 7.99 4.63
CA LEU A 4 9.21 6.61 4.62
C LEU A 4 8.00 5.70 4.58
N GLN A 5 7.94 4.91 3.52
CA GLN A 5 6.76 4.09 3.23
C GLN A 5 7.10 2.63 3.42
N GLN A 6 6.42 1.99 4.37
CA GLN A 6 6.75 0.62 4.73
C GLN A 6 5.87 -0.36 3.98
N SER A 7 6.40 -1.57 3.79
CA SER A 7 5.62 -2.59 3.11
C SER A 7 4.48 -3.04 4.04
N GLY A 8 3.58 -3.89 3.54
CA GLY A 8 2.37 -4.24 4.28
C GLY A 8 2.55 -5.43 5.19
N ALA A 9 1.55 -5.65 6.05
CA ALA A 9 1.55 -6.68 7.08
C ALA A 9 1.82 -8.03 6.48
N GLU A 10 2.45 -8.91 7.26
CA GLU A 10 2.91 -10.21 6.78
C GLU A 10 2.62 -11.27 7.80
N LEU A 11 2.23 -12.42 7.28
CA LEU A 11 1.94 -13.63 8.01
C LEU A 11 2.86 -14.65 7.36
N MET A 12 3.57 -15.40 8.18
CA MET A 12 4.62 -16.27 7.71
C MET A 12 4.63 -17.52 8.56
N LYS A 13 5.06 -18.65 8.00
CA LYS A 13 5.15 -19.90 8.72
C LYS A 13 6.43 -19.92 9.53
N PRO A 14 6.42 -20.55 10.72
CA PRO A 14 7.66 -20.69 11.46
C PRO A 14 8.76 -21.31 10.60
N GLY A 15 9.93 -20.67 10.59
CA GLY A 15 11.08 -21.15 9.84
C GLY A 15 11.26 -20.52 8.47
N ALA A 16 10.25 -19.83 7.94
CA ALA A 16 10.39 -19.13 6.65
C ALA A 16 11.17 -17.82 6.79
N SER A 17 11.53 -17.19 5.67
CA SER A 17 12.14 -15.88 5.75
C SER A 17 11.19 -14.86 5.19
N VAL A 18 11.10 -13.71 5.86
CA VAL A 18 10.34 -12.58 5.37
C VAL A 18 11.30 -11.45 4.95
N LYS A 19 10.97 -10.75 3.87
CA LYS A 19 11.71 -9.52 3.55
C LYS A 19 10.84 -8.26 3.59
N LEU A 20 11.15 -7.34 4.49
CA LEU A 20 10.40 -6.09 4.66
C LEU A 20 11.02 -4.95 3.89
N SER A 21 10.20 -3.99 3.46
CA SER A 21 10.76 -2.83 2.77
C SER A 21 10.37 -1.46 3.28
N CYS A 22 11.28 -0.52 3.04
CA CYS A 22 11.11 0.83 3.50
C CYS A 22 11.50 1.67 2.30
N LYS A 23 10.52 2.35 1.75
CA LYS A 23 10.62 3.12 0.51
C LYS A 23 10.67 4.62 0.81
N ALA A 24 11.77 5.26 0.47
CA ALA A 24 11.97 6.66 0.83
C ALA A 24 11.64 7.59 -0.33
N ALA A 25 11.03 8.72 -0.02
CA ALA A 25 10.84 9.79 -0.99
C ALA A 25 11.00 11.13 -0.27
N GLY A 26 11.40 12.16 -1.05
CA GLY A 26 11.54 13.53 -0.58
C GLY A 26 12.91 13.99 -0.10
N TYR A 27 13.96 13.20 -0.35
CA TYR A 27 15.32 13.55 0.11
C TYR A 27 16.40 12.74 -0.62
N THR A 28 17.67 13.13 -0.45
CA THR A 28 18.78 12.39 -1.04
C THR A 28 18.94 11.05 -0.32
N PHE A 29 18.50 9.98 -0.98
CA PHE A 29 18.47 8.63 -0.39
C PHE A 29 19.82 8.11 0.10
N THR A 30 20.90 8.51 -0.57
CA THR A 30 22.24 8.05 -0.20
C THR A 30 22.79 8.79 1.00
N ALA A 31 22.15 9.89 1.40
CA ALA A 31 22.73 10.73 2.45
C ALA A 31 22.29 10.37 3.86
N TYR A 32 21.47 9.33 3.99
CA TYR A 32 20.87 8.98 5.29
C TYR A 32 20.95 7.49 5.54
N TRP A 33 21.34 7.09 6.74
CA TRP A 33 21.21 5.70 7.14
C TRP A 33 19.72 5.38 7.26
N ILE A 34 19.33 4.18 6.85
CA ILE A 34 18.01 3.65 7.14
C ILE A 34 18.14 2.77 8.39
N GLU A 35 17.34 3.06 9.40
CA GLU A 35 17.36 2.43 10.69
C GLU A 35 16.13 1.55 10.88
N TRP A 36 16.32 0.39 11.50
CA TRP A 36 15.28 -0.62 11.65
C TRP A 36 15.07 -0.93 13.10
N ILE A 37 13.82 -0.89 13.51
CA ILE A 37 13.43 -0.94 14.90
C ILE A 37 12.35 -2.02 15.10
N ARG A 38 12.42 -2.76 16.21
CA ARG A 38 11.43 -3.83 16.49
C ARG A 38 10.65 -3.48 17.71
N GLN A 39 9.33 -3.76 17.70
CA GLN A 39 8.55 -3.66 18.92
C GLN A 39 7.63 -4.88 19.06
N ARG A 40 7.95 -5.74 20.03
CA ARG A 40 7.15 -6.93 20.35
C ARG A 40 5.87 -6.47 21.09
N PRO A 41 4.74 -7.20 20.91
CA PRO A 41 3.46 -6.70 21.44
C PRO A 41 3.52 -6.40 22.93
N GLY A 42 3.11 -5.19 23.28
CA GLY A 42 3.18 -4.69 24.65
C GLY A 42 4.55 -4.45 25.25
N HIS A 43 5.61 -4.54 24.44
CA HIS A 43 6.96 -4.32 24.94
C HIS A 43 7.55 -3.04 24.40
N GLY A 44 8.81 -2.78 24.75
CA GLY A 44 9.46 -1.55 24.34
C GLY A 44 10.06 -1.63 22.95
N LEU A 45 10.64 -0.52 22.50
CA LEU A 45 11.28 -0.42 21.18
C LEU A 45 12.68 -1.00 21.30
N GLU A 46 13.17 -1.72 20.28
CA GLU A 46 14.57 -2.22 20.29
C GLU A 46 15.17 -1.92 18.96
N TRP A 47 16.45 -1.64 18.98
CA TRP A 47 17.17 -1.32 17.76
C TRP A 47 17.67 -2.57 17.10
N ILE A 48 17.47 -2.71 15.78
CA ILE A 48 17.87 -3.95 15.10
C ILE A 48 19.14 -3.71 14.32
N GLY A 49 19.18 -2.64 13.52
CA GLY A 49 20.30 -2.41 12.62
C GLY A 49 20.07 -1.34 11.59
N GLU A 50 21.08 -1.11 10.76
CA GLU A 50 21.06 0.03 9.86
C GLU A 50 21.86 -0.28 8.61
N ILE A 51 21.54 0.43 7.53
CA ILE A 51 22.32 0.37 6.29
C ILE A 51 22.42 1.78 5.69
N LEU A 52 23.61 2.12 5.19
CA LEU A 52 23.79 3.33 4.41
C LEU A 52 23.84 2.96 2.93
N PRO A 53 22.78 3.29 2.18
CA PRO A 53 22.75 3.00 0.74
C PRO A 53 23.53 4.04 -0.07
N GLY A 54 24.02 3.71 -1.25
CA GLY A 54 24.40 2.37 -1.62
C GLY A 54 25.86 2.33 -1.19
N SER A 55 26.09 1.67 -0.06
CA SER A 55 27.44 1.38 0.39
C SER A 55 27.39 -0.02 0.98
N SER A 56 28.57 -0.58 1.23
CA SER A 56 28.70 -1.87 1.89
C SER A 56 28.41 -1.73 3.38
N SER A 57 28.27 -0.49 3.84
CA SER A 57 28.21 -0.19 5.26
C SER A 57 26.84 -0.57 5.86
N THR A 58 26.82 -1.60 6.69
CA THR A 58 25.68 -1.95 7.52
C THR A 58 26.16 -2.15 8.95
N ASN A 59 25.24 -2.08 9.90
CA ASN A 59 25.53 -2.38 11.30
C ASN A 59 24.31 -2.99 11.95
N CYS A 60 24.51 -3.73 13.03
CA CYS A 60 23.41 -4.41 13.71
C CYS A 60 23.64 -4.71 15.17
N ASN A 61 22.55 -4.87 15.89
CA ASN A 61 22.54 -5.28 17.27
C ASN A 61 22.88 -6.77 17.27
N GLU A 62 23.77 -7.17 18.17
CA GLU A 62 24.33 -8.53 18.15
C GLU A 62 23.26 -9.60 18.32
N MET A 63 22.22 -9.32 19.10
CA MET A 63 21.05 -10.19 19.19
C MET A 63 20.53 -10.68 17.85
N PHE A 64 20.71 -9.89 16.79
CA PHE A 64 20.12 -10.21 15.49
C PHE A 64 21.13 -10.80 14.50
N LYS A 65 22.32 -11.11 14.97
CA LYS A 65 23.26 -11.85 14.13
C LYS A 65 22.67 -13.21 13.73
N GLY A 66 22.85 -13.58 12.46
CA GLY A 66 22.19 -14.75 11.88
C GLY A 66 20.69 -14.62 11.60
N LYS A 67 20.10 -13.51 12.02
CA LYS A 67 18.66 -13.26 11.89
C LYS A 67 18.30 -12.15 10.86
N ALA A 68 19.03 -11.04 10.87
CA ALA A 68 18.65 -9.90 10.04
C ALA A 68 19.71 -9.50 9.00
N THR A 69 19.29 -9.38 7.74
CA THR A 69 20.17 -8.97 6.64
C THR A 69 19.60 -7.69 6.06
N PHE A 70 20.44 -6.68 5.91
CA PHE A 70 20.00 -5.43 5.35
C PHE A 70 20.56 -5.28 3.93
N THR A 71 19.72 -4.77 3.03
CA THR A 71 20.13 -4.42 1.66
C THR A 71 19.44 -3.13 1.29
N ALA A 72 19.82 -2.57 0.15
CA ALA A 72 19.29 -1.31 -0.32
C ALA A 72 19.45 -1.19 -1.83
N ASP A 73 18.59 -0.39 -2.45
CA ASP A 73 18.48 -0.32 -3.90
C ASP A 73 18.29 1.15 -4.23
N THR A 74 19.38 1.84 -4.58
CA THR A 74 19.31 3.27 -4.80
C THR A 74 18.42 3.68 -5.97
N SER A 75 18.31 2.82 -6.98
CA SER A 75 17.44 3.12 -8.11
C SER A 75 15.97 3.31 -7.75
N SER A 76 15.44 2.44 -6.89
CA SER A 76 14.03 2.56 -6.46
C SER A 76 13.86 3.23 -5.10
N ASN A 77 14.97 3.73 -4.53
CA ASN A 77 14.93 4.42 -3.25
C ASN A 77 14.46 3.51 -2.11
N SER A 78 14.70 2.20 -2.24
CA SER A 78 14.22 1.20 -1.29
C SER A 78 15.33 0.49 -0.49
N ALA A 79 15.05 0.29 0.81
CA ALA A 79 15.90 -0.48 1.74
C ALA A 79 15.05 -1.62 2.25
N TYR A 80 15.72 -2.73 2.50
CA TYR A 80 15.10 -4.00 2.82
C TYR A 80 15.73 -4.61 4.04
N MET A 81 14.90 -5.26 4.85
CA MET A 81 15.42 -6.10 5.89
C MET A 81 14.82 -7.48 5.73
N GLN A 82 15.69 -8.47 5.69
CA GLN A 82 15.26 -9.84 5.63
C GLN A 82 15.46 -10.47 7.01
N LEU A 83 14.41 -11.11 7.50
CA LEU A 83 14.41 -11.86 8.73
C LEU A 83 14.26 -13.32 8.35
N SER A 84 15.25 -14.14 8.73
CA SER A 84 15.31 -15.54 8.34
C SER A 84 15.01 -16.42 9.55
N SER A 85 14.63 -17.68 9.29
CA SER A 85 14.35 -18.65 10.36
C SER A 85 13.34 -18.16 11.37
N LEU A 86 12.19 -17.72 10.90
CA LEU A 86 11.18 -17.12 11.77
C LEU A 86 10.64 -18.06 12.86
N THR A 87 10.53 -17.52 14.07
CA THR A 87 9.86 -18.15 15.20
C THR A 87 8.72 -17.24 15.66
N THR A 88 7.84 -17.76 16.52
CA THR A 88 6.78 -17.00 17.18
C THR A 88 7.22 -15.63 17.74
N GLU A 89 8.37 -15.62 18.38
CA GLU A 89 8.97 -14.47 19.05
C GLU A 89 9.51 -13.39 18.07
N ASP A 90 9.53 -13.69 16.78
CA ASP A 90 9.70 -12.65 15.76
C ASP A 90 8.41 -11.85 15.48
N SER A 91 7.27 -12.33 15.92
CA SER A 91 6.01 -11.60 15.70
C SER A 91 6.15 -10.20 16.34
N ALA A 92 6.12 -9.14 15.55
CA ALA A 92 6.24 -7.78 16.13
C ALA A 92 5.91 -6.76 15.07
N ILE A 93 5.88 -5.49 15.45
CA ILE A 93 5.84 -4.40 14.48
C ILE A 93 7.30 -4.04 14.21
N TYR A 94 7.63 -3.80 12.96
CA TYR A 94 8.94 -3.33 12.55
C TYR A 94 8.79 -1.95 11.92
N TYR A 95 9.54 -0.98 12.48
CA TYR A 95 9.57 0.40 12.01
C TYR A 95 10.89 0.71 11.33
N CYS A 96 10.84 1.54 10.29
CA CYS A 96 12.08 2.12 9.82
C CYS A 96 12.06 3.62 10.11
N THR A 97 13.26 4.16 10.26
CA THR A 97 13.47 5.58 10.40
C THR A 97 14.80 5.88 9.72
N ARG A 98 15.27 7.11 9.82
CA ARG A 98 16.47 7.46 9.06
C ARG A 98 17.44 8.26 9.94
N ASP A 99 18.71 8.27 9.54
CA ASP A 99 19.75 8.87 10.35
C ASP A 99 20.81 9.50 9.41
N PHE A 100 20.90 10.83 9.39
CA PHE A 100 21.75 11.56 8.41
C PHE A 100 23.23 11.18 8.52
N SER A 101 23.85 10.80 7.42
CA SER A 101 25.29 10.55 7.45
C SER A 101 26.02 11.90 7.49
N GLY A 102 26.09 12.54 8.64
CA GLY A 102 26.71 13.85 8.72
C GLY A 102 26.59 14.51 10.06
N ASP A 103 26.74 15.83 10.03
CA ASP A 103 26.96 16.66 11.20
C ASP A 103 25.79 17.68 11.35
N ARG A 104 24.57 17.16 11.54
CA ARG A 104 23.39 18.00 11.73
C ARG A 104 22.41 17.31 12.68
N SER A 105 22.34 17.82 13.91
CA SER A 105 21.57 17.22 15.02
C SER A 105 20.10 16.87 14.75
N ASN A 106 19.44 17.69 13.95
CA ASN A 106 18.00 17.59 13.74
C ASN A 106 17.61 16.55 12.70
N LEU A 107 18.61 15.99 12.04
CA LEU A 107 18.37 14.93 11.06
C LEU A 107 18.72 13.51 11.58
N TYR A 108 18.67 13.30 12.90
CA TYR A 108 18.92 11.94 13.45
C TYR A 108 17.60 11.40 13.97
N PHE A 109 17.05 10.41 13.28
CA PHE A 109 15.82 9.70 13.72
C PHE A 109 14.63 10.64 13.78
N ASP A 110 14.42 11.40 12.72
CA ASP A 110 13.51 12.52 12.73
C ASP A 110 12.19 12.11 12.10
N VAL A 111 12.25 11.30 11.05
CA VAL A 111 11.02 10.80 10.46
C VAL A 111 10.90 9.27 10.54
N TRP A 112 9.70 8.81 10.89
CA TRP A 112 9.38 7.42 11.14
C TRP A 112 8.34 6.91 10.23
N GLY A 113 8.61 5.76 9.62
CA GLY A 113 7.60 4.95 9.01
C GLY A 113 6.52 4.62 10.02
N THR A 114 5.37 4.17 9.51
CA THR A 114 4.25 3.84 10.38
C THR A 114 4.25 2.35 10.75
N GLY A 115 5.22 1.56 10.27
CA GLY A 115 5.35 0.19 10.77
C GLY A 115 4.83 -0.91 9.88
N THR A 116 5.43 -2.10 10.00
CA THR A 116 5.01 -3.32 9.31
C THR A 116 4.85 -4.40 10.38
N THR A 117 3.66 -4.99 10.48
CA THR A 117 3.39 -6.06 11.42
C THR A 117 3.76 -7.36 10.74
N VAL A 118 4.50 -8.19 11.46
CA VAL A 118 4.82 -9.53 11.03
C VAL A 118 4.18 -10.45 12.06
N THR A 119 3.44 -11.45 11.58
CA THR A 119 2.92 -12.48 12.45
C THR A 119 3.50 -13.82 12.03
N VAL A 120 4.05 -14.54 12.99
CA VAL A 120 4.57 -15.85 12.69
C VAL A 120 3.70 -16.90 13.32
N SER A 121 3.15 -17.77 12.50
CA SER A 121 2.26 -18.83 13.00
C SER A 121 2.11 -19.95 11.99
N SER A 122 1.96 -21.16 12.49
CA SER A 122 1.61 -22.35 11.69
C SER A 122 0.11 -22.42 11.35
N ALA A 123 -0.71 -21.56 11.96
CA ALA A 123 -2.17 -21.76 11.87
C ALA A 123 -2.74 -21.54 10.48
N LYS A 124 -3.81 -22.27 10.16
CA LYS A 124 -4.56 -22.09 8.92
C LYS A 124 -5.70 -21.12 9.18
N THR A 125 -6.20 -20.46 8.13
CA THR A 125 -7.34 -19.57 8.23
C THR A 125 -8.52 -20.33 8.82
N THR A 126 -9.17 -19.75 9.83
CA THR A 126 -10.24 -20.45 10.52
C THR A 126 -11.35 -19.47 10.90
N PRO A 127 -12.60 -19.79 10.56
CA PRO A 127 -13.66 -18.85 10.99
C PRO A 127 -13.93 -18.94 12.51
N PRO A 128 -14.46 -17.87 13.11
CA PRO A 128 -14.77 -17.88 14.51
C PRO A 128 -16.09 -18.60 14.79
N SER A 129 -16.17 -19.29 15.93
CA SER A 129 -17.45 -19.76 16.46
C SER A 129 -17.91 -18.57 17.26
N VAL A 130 -19.15 -18.14 17.10
CA VAL A 130 -19.65 -16.99 17.84
C VAL A 130 -20.74 -17.43 18.87
N TYR A 131 -20.51 -17.19 20.16
CA TYR A 131 -21.46 -17.62 21.21
C TYR A 131 -22.05 -16.48 21.99
N PRO A 132 -23.37 -16.57 22.23
CA PRO A 132 -24.11 -15.57 22.96
C PRO A 132 -23.78 -15.64 24.44
N LEU A 133 -23.72 -14.48 25.11
CA LEU A 133 -23.50 -14.47 26.56
C LEU A 133 -24.71 -13.85 27.23
N ALA A 134 -25.65 -14.71 27.62
CA ALA A 134 -26.88 -14.26 28.30
C ALA A 134 -26.70 -14.48 29.80
N PRO A 135 -27.21 -13.55 30.64
CA PRO A 135 -27.09 -13.81 32.08
C PRO A 135 -27.69 -15.16 32.50
N GLY A 136 -27.08 -15.77 33.51
CA GLY A 136 -27.58 -17.04 34.05
C GLY A 136 -28.70 -16.82 35.05
N SER A 137 -29.57 -15.85 34.75
CA SER A 137 -30.71 -15.48 35.59
C SER A 137 -30.30 -15.08 37.03
N ALA A 138 -29.65 -13.92 37.13
CA ALA A 138 -29.27 -13.36 38.44
C ALA A 138 -30.24 -12.25 38.84
N ALA A 139 -29.79 -11.36 39.74
CA ALA A 139 -30.57 -10.20 40.15
C ALA A 139 -30.80 -9.22 38.99
N GLN A 140 -30.00 -9.38 37.93
CA GLN A 140 -29.95 -8.46 36.80
C GLN A 140 -29.70 -6.96 37.25
N THR A 141 -28.93 -6.92 38.38
CA THR A 141 -28.72 -5.73 39.20
C THR A 141 -30.11 -5.06 39.47
N ASN A 142 -30.21 -3.77 39.16
CA ASN A 142 -31.43 -3.02 39.36
C ASN A 142 -31.64 -1.94 38.28
N SER A 143 -30.53 -1.61 37.61
CA SER A 143 -30.47 -0.44 36.74
C SER A 143 -29.98 -0.77 35.31
N MET A 144 -28.86 -1.48 35.22
CA MET A 144 -28.24 -1.83 33.95
C MET A 144 -28.16 -3.35 33.79
N VAL A 145 -28.17 -3.83 32.55
CA VAL A 145 -27.90 -5.25 32.29
C VAL A 145 -26.78 -5.37 31.25
N THR A 146 -25.86 -6.28 31.54
CA THR A 146 -24.66 -6.53 30.75
C THR A 146 -24.84 -7.84 30.00
N LEU A 147 -24.56 -7.83 28.70
CA LEU A 147 -24.66 -9.01 27.85
C LEU A 147 -23.33 -9.10 27.11
N GLY A 148 -23.08 -10.19 26.42
CA GLY A 148 -21.89 -10.19 25.59
C GLY A 148 -21.92 -11.21 24.47
N CYS A 149 -20.87 -11.23 23.67
CA CYS A 149 -20.62 -12.40 22.89
C CYS A 149 -19.16 -12.75 22.88
N LEU A 150 -18.96 -14.03 22.70
CA LEU A 150 -17.68 -14.64 22.85
C LEU A 150 -17.41 -15.09 21.46
N VAL A 151 -16.21 -14.78 20.97
CA VAL A 151 -15.86 -14.98 19.56
C VAL A 151 -14.62 -15.83 19.61
N LYS A 152 -14.75 -17.09 19.21
CA LYS A 152 -13.77 -18.07 19.62
C LYS A 152 -13.13 -18.87 18.51
N GLY A 153 -11.82 -19.05 18.61
CA GLY A 153 -11.08 -19.99 17.75
C GLY A 153 -10.87 -19.57 16.28
N TYR A 154 -10.62 -18.30 16.04
CA TYR A 154 -10.45 -17.82 14.68
C TYR A 154 -8.95 -17.58 14.37
N PHE A 155 -8.63 -17.55 13.08
CA PHE A 155 -7.28 -17.18 12.64
C PHE A 155 -7.39 -16.74 11.20
N PRO A 156 -6.71 -15.62 10.79
CA PRO A 156 -5.88 -14.70 11.57
C PRO A 156 -6.72 -13.56 12.16
N GLU A 157 -6.11 -12.68 12.93
CA GLU A 157 -6.73 -11.36 13.17
C GLU A 157 -6.91 -10.60 11.82
N PRO A 158 -7.87 -9.65 11.74
CA PRO A 158 -8.76 -9.23 12.84
C PRO A 158 -10.20 -9.73 12.67
N VAL A 159 -11.02 -9.56 13.71
CA VAL A 159 -12.48 -9.64 13.54
C VAL A 159 -13.02 -8.26 13.82
N THR A 160 -14.24 -7.99 13.36
CA THR A 160 -14.96 -6.77 13.69
C THR A 160 -16.14 -7.19 14.60
N VAL A 161 -16.41 -6.46 15.68
CA VAL A 161 -17.63 -6.77 16.44
C VAL A 161 -18.49 -5.53 16.55
N THR A 162 -19.78 -5.66 16.23
CA THR A 162 -20.74 -4.60 16.51
C THR A 162 -22.02 -5.11 17.18
N TRP A 163 -22.75 -4.17 17.76
CA TRP A 163 -23.97 -4.45 18.50
C TRP A 163 -25.06 -3.72 17.80
N ASN A 164 -26.07 -4.46 17.34
CA ASN A 164 -27.16 -3.85 16.60
C ASN A 164 -26.64 -2.98 15.44
N SER A 165 -25.80 -3.58 14.59
CA SER A 165 -25.28 -2.97 13.35
C SER A 165 -24.54 -1.63 13.53
N GLY A 166 -24.23 -1.26 14.77
CA GLY A 166 -23.49 -0.03 15.04
C GLY A 166 -24.31 1.06 15.70
N SER A 167 -25.61 0.80 15.82
CA SER A 167 -26.51 1.73 16.49
C SER A 167 -26.18 1.83 17.99
N LEU A 168 -26.09 0.67 18.64
CA LEU A 168 -25.71 0.55 20.03
C LEU A 168 -24.21 0.39 20.16
N SER A 169 -23.52 1.46 20.57
CA SER A 169 -22.08 1.42 20.75
C SER A 169 -21.65 2.06 22.07
N SER A 170 -22.61 2.67 22.75
CA SER A 170 -22.35 3.46 23.94
C SER A 170 -21.88 2.63 25.15
N GLY A 171 -22.51 1.48 25.40
CA GLY A 171 -22.11 0.66 26.55
C GLY A 171 -21.17 -0.51 26.25
N VAL A 172 -20.22 -0.30 25.35
CA VAL A 172 -19.48 -1.39 24.71
C VAL A 172 -18.00 -1.54 25.14
N HIS A 173 -17.57 -2.79 25.32
CA HIS A 173 -16.16 -3.09 25.55
C HIS A 173 -15.81 -4.29 24.73
N THR A 174 -15.02 -4.08 23.68
CA THR A 174 -14.49 -5.22 22.92
C THR A 174 -13.04 -5.42 23.34
N PHE A 175 -12.73 -6.60 23.86
CA PHE A 175 -11.43 -6.81 24.50
C PHE A 175 -10.40 -7.27 23.46
N PRO A 176 -9.12 -6.96 23.65
CA PRO A 176 -8.09 -7.47 22.71
C PRO A 176 -8.12 -8.99 22.67
N ALA A 177 -7.77 -9.56 21.52
CA ALA A 177 -7.71 -11.00 21.35
C ALA A 177 -6.50 -11.62 22.05
N VAL A 178 -6.67 -12.86 22.49
CA VAL A 178 -5.56 -13.61 23.08
C VAL A 178 -5.49 -14.98 22.40
N LEU A 179 -4.31 -15.61 22.42
CA LEU A 179 -4.11 -16.93 21.81
C LEU A 179 -4.49 -18.09 22.71
N GLN A 180 -5.45 -18.91 22.27
CA GLN A 180 -5.96 -20.01 23.10
C GLN A 180 -5.14 -21.26 22.88
N SER A 181 -5.02 -21.68 21.61
CA SER A 181 -4.07 -22.71 21.21
C SER A 181 -3.03 -22.08 20.27
N ASP A 182 -3.34 -22.18 18.97
CA ASP A 182 -2.74 -21.33 17.95
C ASP A 182 -3.85 -20.46 17.38
N LEU A 183 -4.98 -20.40 18.08
CA LEU A 183 -6.15 -19.71 17.56
C LEU A 183 -6.48 -18.50 18.43
N TYR A 184 -7.24 -17.55 17.90
CA TYR A 184 -7.57 -16.36 18.68
C TYR A 184 -8.98 -16.43 19.29
N THR A 185 -9.14 -15.81 20.45
CA THR A 185 -10.43 -15.67 21.11
C THR A 185 -10.57 -14.26 21.64
N LEU A 186 -11.73 -13.64 21.41
CA LEU A 186 -12.03 -12.41 22.11
C LEU A 186 -13.48 -12.40 22.57
N SER A 187 -13.83 -11.44 23.41
CA SER A 187 -15.21 -11.26 23.75
C SER A 187 -15.47 -9.79 23.68
N SER A 188 -16.76 -9.48 23.62
CA SER A 188 -17.27 -8.13 23.61
C SER A 188 -18.43 -8.12 24.59
N SER A 189 -18.59 -7.03 25.34
CA SER A 189 -19.73 -6.84 26.23
C SER A 189 -20.44 -5.53 25.93
N VAL A 190 -21.75 -5.53 26.15
CA VAL A 190 -22.54 -4.31 26.06
C VAL A 190 -23.41 -4.20 27.30
N THR A 191 -23.45 -3.01 27.87
CA THR A 191 -24.29 -2.68 29.01
C THR A 191 -25.44 -1.78 28.53
N VAL A 192 -26.66 -2.28 28.70
CA VAL A 192 -27.87 -1.51 28.38
C VAL A 192 -28.81 -1.49 29.59
N PRO A 193 -29.55 -0.36 29.79
CA PRO A 193 -30.67 -0.29 30.74
C PRO A 193 -31.53 -1.57 30.74
N SER A 194 -31.85 -2.10 31.92
CA SER A 194 -32.67 -3.32 32.02
C SER A 194 -34.10 -3.20 31.45
N SER A 195 -34.62 -1.98 31.36
CA SER A 195 -35.85 -1.69 30.60
C SER A 195 -35.75 -2.27 29.18
N THR A 196 -34.57 -2.11 28.58
CA THR A 196 -34.28 -2.46 27.20
C THR A 196 -34.32 -3.94 26.86
N TRP A 197 -34.07 -4.80 27.86
CA TRP A 197 -33.82 -6.22 27.62
C TRP A 197 -34.31 -7.01 28.82
N PRO A 198 -34.86 -8.23 28.61
CA PRO A 198 -35.13 -8.98 27.38
C PRO A 198 -36.27 -8.42 26.55
N SER A 199 -36.82 -7.29 27.00
CA SER A 199 -37.91 -6.55 26.32
C SER A 199 -37.87 -6.69 24.80
N GLU A 200 -36.65 -6.60 24.28
CA GLU A 200 -36.40 -6.58 22.84
C GLU A 200 -34.99 -7.16 22.62
N THR A 201 -34.67 -7.44 21.36
CA THR A 201 -33.45 -8.14 21.00
C THR A 201 -32.17 -7.30 21.19
N VAL A 202 -31.09 -8.00 21.49
CA VAL A 202 -29.75 -7.43 21.41
C VAL A 202 -28.97 -8.42 20.57
N THR A 203 -28.28 -7.92 19.55
CA THR A 203 -27.59 -8.81 18.60
C THR A 203 -26.15 -8.36 18.46
N CYS A 204 -25.21 -9.31 18.46
CA CYS A 204 -23.86 -8.91 18.13
C CYS A 204 -23.53 -9.31 16.71
N ASN A 205 -22.91 -8.37 16.01
CA ASN A 205 -22.50 -8.60 14.61
C ASN A 205 -21.02 -8.90 14.52
N VAL A 206 -20.70 -10.09 14.09
CA VAL A 206 -19.29 -10.48 14.01
C VAL A 206 -18.85 -10.63 12.54
N ALA A 207 -17.74 -9.99 12.16
CA ALA A 207 -17.18 -10.22 10.82
C ALA A 207 -15.74 -10.67 10.87
N HIS A 208 -15.42 -11.69 10.09
CA HIS A 208 -14.06 -12.17 9.91
C HIS A 208 -13.68 -12.21 8.43
N PRO A 209 -13.29 -11.04 7.85
CA PRO A 209 -13.14 -11.04 6.38
C PRO A 209 -12.23 -12.11 5.84
N ALA A 210 -11.15 -12.42 6.54
CA ALA A 210 -10.21 -13.44 6.04
C ALA A 210 -10.83 -14.83 5.75
N SER A 211 -11.90 -15.20 6.45
CA SER A 211 -12.62 -16.47 6.16
C SER A 211 -13.92 -16.25 5.42
N SER A 212 -14.19 -14.99 5.07
CA SER A 212 -15.48 -14.57 4.53
C SER A 212 -16.63 -14.99 5.44
N THR A 213 -16.48 -14.72 6.73
CA THR A 213 -17.51 -14.96 7.73
C THR A 213 -18.26 -13.69 8.10
N LYS A 214 -19.56 -13.67 7.95
CA LYS A 214 -20.39 -12.64 8.58
C LYS A 214 -21.45 -13.35 9.42
N VAL A 215 -21.59 -12.97 10.69
CA VAL A 215 -22.61 -13.60 11.58
C VAL A 215 -23.36 -12.63 12.48
N ASP A 216 -24.62 -12.96 12.73
CA ASP A 216 -25.45 -12.27 13.70
C ASP A 216 -25.78 -13.23 14.83
N LYS A 217 -25.58 -12.77 16.07
CA LYS A 217 -26.01 -13.56 17.21
C LYS A 217 -26.86 -12.70 18.11
N LYS A 218 -28.14 -13.04 18.15
CA LYS A 218 -29.10 -12.43 19.04
C LYS A 218 -28.88 -12.97 20.46
N ILE A 219 -28.81 -12.08 21.44
CA ILE A 219 -28.72 -12.58 22.82
C ILE A 219 -30.12 -12.94 23.35
N VAL A 220 -30.38 -14.23 23.47
CA VAL A 220 -31.67 -14.76 23.93
C VAL A 220 -31.70 -15.15 25.41
N PRO A 221 -32.60 -14.54 26.20
CA PRO A 221 -32.76 -14.81 27.63
C PRO A 221 -32.80 -16.31 27.95
N ARG A 222 -32.09 -16.70 29.01
CA ARG A 222 -31.95 -18.13 29.35
C ARG A 222 -33.29 -18.78 29.79
N ASP A 223 -33.98 -18.09 30.71
CA ASP A 223 -35.18 -18.62 31.40
C ASP A 223 -35.00 -20.09 31.87
N CYS A 224 -33.73 -20.43 32.13
CA CYS A 224 -33.21 -21.75 32.51
C CYS A 224 -32.01 -22.11 31.63
N ASP B 1 27.39 -2.60 25.57
CA ASP B 1 26.62 -1.50 24.92
C ASP B 1 26.13 -0.52 25.97
N ILE B 2 25.92 0.74 25.57
CA ILE B 2 25.36 1.74 26.48
C ILE B 2 23.95 1.32 26.92
N GLN B 3 23.68 1.44 28.22
CA GLN B 3 22.34 1.17 28.76
C GLN B 3 21.61 2.46 29.15
N MET B 4 20.34 2.54 28.75
CA MET B 4 19.49 3.66 29.12
C MET B 4 18.44 3.15 30.10
N THR B 5 18.51 3.65 31.33
CA THR B 5 17.61 3.24 32.39
C THR B 5 16.54 4.33 32.53
N GLN B 6 15.33 4.02 32.05
CA GLN B 6 14.22 4.98 31.99
C GLN B 6 13.29 4.82 33.16
N SER B 7 13.02 5.94 33.83
CA SER B 7 12.08 5.93 34.94
C SER B 7 11.29 7.24 35.04
N PRO B 8 10.08 7.15 35.59
CA PRO B 8 9.39 5.92 36.02
C PRO B 8 8.90 5.05 34.84
N SER B 9 8.64 3.77 35.08
CA SER B 9 8.06 2.92 34.02
C SER B 9 6.54 3.22 33.82
N SER B 10 5.90 3.71 34.86
CA SER B 10 4.52 4.13 34.75
C SER B 10 4.27 5.29 35.70
N LEU B 11 3.31 6.12 35.35
CA LEU B 11 3.03 7.32 36.13
C LEU B 11 1.60 7.73 35.89
N SER B 12 0.92 8.08 36.97
CA SER B 12 -0.44 8.60 36.88
C SER B 12 -0.34 10.08 37.19
N ALA B 13 -1.08 10.90 36.47
CA ALA B 13 -1.13 12.33 36.73
C ALA B 13 -2.45 12.89 36.20
N SER B 14 -2.83 14.09 36.63
CA SER B 14 -4.07 14.72 36.11
C SER B 14 -3.76 15.77 35.07
N LEU B 15 -4.76 16.12 34.26
CA LEU B 15 -4.73 17.27 33.36
C LEU B 15 -4.11 18.47 34.09
N GLY B 16 -3.20 19.15 33.41
CA GLY B 16 -2.69 20.43 33.87
C GLY B 16 -1.49 20.30 34.77
N GLU B 17 -1.18 19.09 35.21
CA GLU B 17 -0.03 18.89 36.07
C GLU B 17 1.26 18.84 35.26
N ARG B 18 2.38 19.03 35.95
CA ARG B 18 3.72 18.88 35.43
C ARG B 18 4.33 17.50 35.72
N VAL B 19 4.95 16.87 34.73
CA VAL B 19 5.62 15.59 34.94
C VAL B 19 7.01 15.58 34.31
N SER B 20 7.95 14.85 34.89
CA SER B 20 9.16 14.59 34.13
C SER B 20 9.65 13.14 34.24
N LEU B 21 10.22 12.70 33.12
CA LEU B 21 10.71 11.35 32.96
C LEU B 21 12.21 11.44 32.83
N THR B 22 12.91 10.39 33.28
CA THR B 22 14.35 10.38 33.37
C THR B 22 14.93 9.14 32.70
N CYS B 23 15.96 9.34 31.88
CA CYS B 23 16.82 8.28 31.37
C CYS B 23 18.24 8.44 31.88
N ARG B 24 18.69 7.42 32.61
CA ARG B 24 20.04 7.39 33.12
C ARG B 24 20.91 6.60 32.15
N ALA B 25 21.85 7.28 31.49
CA ALA B 25 22.86 6.63 30.67
C ALA B 25 23.93 5.95 31.53
N SER B 26 24.31 4.73 31.15
CA SER B 26 25.33 3.96 31.87
C SER B 26 26.77 4.39 31.55
N GLN B 27 26.94 5.13 30.45
CA GLN B 27 28.22 5.74 30.05
C GLN B 27 27.88 7.05 29.34
N ASP B 28 28.89 7.91 29.16
CA ASP B 28 28.67 9.26 28.62
C ASP B 28 28.10 9.21 27.19
N ILE B 29 27.02 9.95 26.95
CA ILE B 29 26.40 10.01 25.63
C ILE B 29 26.43 11.41 25.02
N GLY B 30 26.93 12.38 25.79
CA GLY B 30 27.00 13.77 25.35
C GLY B 30 25.61 14.40 25.31
N SER B 31 25.32 15.14 24.25
CA SER B 31 24.00 15.67 24.04
C SER B 31 23.17 14.73 23.17
N SER B 32 23.69 13.53 22.91
CA SER B 32 23.12 12.63 21.88
C SER B 32 21.94 11.75 22.36
N LEU B 33 20.85 12.42 22.76
CA LEU B 33 19.66 11.78 23.30
C LEU B 33 18.39 12.37 22.68
N ASN B 34 17.58 11.50 22.09
CA ASN B 34 16.27 11.91 21.56
C ASN B 34 15.16 11.46 22.49
N TRP B 35 14.03 12.15 22.42
CA TRP B 35 12.79 11.69 23.07
C TRP B 35 11.70 11.48 22.08
N LEU B 36 10.99 10.37 22.27
CA LEU B 36 9.99 9.95 21.29
C LEU B 36 8.67 9.73 22.02
N GLN B 37 7.59 9.84 21.28
CA GLN B 37 6.28 9.67 21.83
C GLN B 37 5.63 8.66 20.91
N GLN B 38 4.90 7.71 21.48
CA GLN B 38 4.19 6.73 20.64
C GLN B 38 2.72 6.74 20.98
N GLU B 39 1.90 6.92 19.95
CA GLU B 39 0.45 6.91 20.08
C GLU B 39 -0.09 5.47 20.20
N PRO B 40 -1.31 5.30 20.79
CA PRO B 40 -1.93 3.97 20.88
C PRO B 40 -2.07 3.24 19.54
N ASP B 41 -2.30 3.94 18.43
CA ASP B 41 -2.29 3.27 17.12
C ASP B 41 -0.89 2.87 16.61
N GLY B 42 0.16 3.19 17.38
CA GLY B 42 1.53 2.78 17.01
C GLY B 42 2.44 3.86 16.41
N THR B 43 1.86 5.00 16.01
CA THR B 43 2.63 6.12 15.41
C THR B 43 3.74 6.62 16.35
N ILE B 44 4.97 6.57 15.89
CA ILE B 44 6.05 7.12 16.70
C ILE B 44 6.36 8.51 16.12
N LYS B 45 6.65 9.47 16.99
CA LYS B 45 6.91 10.85 16.59
C LYS B 45 8.08 11.40 17.43
N ARG B 46 9.11 11.97 16.80
CA ARG B 46 10.19 12.54 17.61
C ARG B 46 9.75 13.87 18.27
N LEU B 47 10.08 14.06 19.55
CA LEU B 47 9.64 15.26 20.27
C LEU B 47 10.86 16.16 20.52
N ILE B 48 11.88 15.60 21.18
CA ILE B 48 13.11 16.30 21.54
C ILE B 48 14.29 15.62 20.84
N TYR B 49 15.20 16.43 20.30
CA TYR B 49 16.49 15.96 19.78
C TYR B 49 17.68 16.65 20.47
N ALA B 50 18.85 16.06 20.37
CA ALA B 50 20.04 16.57 21.03
C ALA B 50 19.73 17.08 22.45
N THR B 51 19.05 16.25 23.26
CA THR B 51 18.77 16.56 24.66
C THR B 51 17.71 17.61 24.87
N SER B 52 17.85 18.78 24.20
CA SER B 52 17.09 19.99 24.54
C SER B 52 16.37 20.73 23.45
N SER B 53 16.55 20.36 22.19
CA SER B 53 15.86 21.08 21.11
C SER B 53 14.49 20.53 20.77
N LEU B 54 13.54 21.42 20.50
CA LEU B 54 12.18 21.06 20.17
C LEU B 54 12.00 20.81 18.67
N ASP B 55 11.40 19.68 18.31
CA ASP B 55 11.07 19.40 16.90
C ASP B 55 10.05 20.45 16.46
N SER B 56 10.03 20.76 15.16
CA SER B 56 9.07 21.69 14.59
C SER B 56 7.64 21.16 14.69
N GLY B 57 6.74 22.02 15.14
CA GLY B 57 5.33 21.64 15.26
C GLY B 57 5.03 20.85 16.52
N VAL B 58 6.03 20.67 17.39
CA VAL B 58 5.85 20.09 18.71
C VAL B 58 5.54 21.21 19.70
N PRO B 59 4.43 21.10 20.44
CA PRO B 59 3.99 22.10 21.43
C PRO B 59 5.08 22.48 22.43
N LYS B 60 4.98 23.69 23.00
CA LYS B 60 6.04 24.27 23.87
C LYS B 60 6.07 23.69 25.28
N ARG B 61 4.97 23.05 25.68
CA ARG B 61 4.91 22.35 26.98
C ARG B 61 5.97 21.26 27.15
N PHE B 62 6.51 20.74 26.04
CA PHE B 62 7.59 19.78 26.12
C PHE B 62 8.94 20.46 26.14
N SER B 63 9.81 19.99 27.02
CA SER B 63 11.19 20.40 27.05
C SER B 63 12.10 19.26 27.56
N GLY B 64 13.38 19.38 27.26
CA GLY B 64 14.36 18.36 27.60
C GLY B 64 15.59 18.98 28.21
N SER B 65 16.26 18.23 29.08
CA SER B 65 17.43 18.73 29.81
C SER B 65 18.32 17.59 30.28
N ARG B 66 19.53 17.93 30.67
CA ARG B 66 20.43 16.97 31.32
C ARG B 66 20.99 17.51 32.64
N SER B 67 21.32 16.58 33.53
CA SER B 67 22.01 16.88 34.76
C SER B 67 22.86 15.65 35.07
N GLY B 68 24.15 15.77 34.78
CA GLY B 68 25.09 14.66 34.97
C GLY B 68 24.82 13.53 33.98
N SER B 69 24.58 12.34 34.50
CA SER B 69 24.22 11.19 33.69
C SER B 69 22.70 11.06 33.50
N ASP B 70 21.95 12.01 34.06
CA ASP B 70 20.49 11.99 34.04
C ASP B 70 19.87 12.97 33.03
N TYR B 71 19.19 12.42 32.02
CA TYR B 71 18.49 13.20 30.98
C TYR B 71 16.99 13.13 31.22
N SER B 72 16.30 14.26 31.04
CA SER B 72 14.89 14.36 31.39
C SER B 72 14.04 14.98 30.30
N LEU B 73 12.79 14.51 30.21
CA LEU B 73 11.75 15.13 29.39
C LEU B 73 10.67 15.65 30.32
N THR B 74 10.35 16.93 30.19
CA THR B 74 9.44 17.56 31.12
C THR B 74 8.24 18.04 30.33
N ILE B 75 7.05 17.81 30.87
CA ILE B 75 5.83 18.30 30.29
C ILE B 75 5.25 19.32 31.29
N SER B 76 5.41 20.61 30.99
CA SER B 76 5.08 21.67 31.97
C SER B 76 3.63 21.59 32.47
N ARG B 77 2.68 21.41 31.55
CA ARG B 77 1.24 21.26 31.85
C ARG B 77 0.59 20.19 30.97
N LEU B 78 0.13 19.09 31.58
CA LEU B 78 -0.49 18.01 30.80
C LEU B 78 -1.79 18.36 30.10
N GLU B 79 -1.87 18.04 28.82
CA GLU B 79 -3.12 18.10 28.04
C GLU B 79 -3.54 16.65 27.79
N SER B 80 -4.81 16.43 27.44
CA SER B 80 -5.33 15.07 27.40
C SER B 80 -4.66 14.14 26.36
N GLU B 81 -4.16 14.71 25.26
CA GLU B 81 -3.50 13.91 24.22
C GLU B 81 -2.08 13.47 24.58
N ASP B 82 -1.57 13.91 25.73
CA ASP B 82 -0.21 13.62 26.15
C ASP B 82 -0.04 12.30 26.91
N PHE B 83 -1.17 11.65 27.19
CA PHE B 83 -1.23 10.48 28.06
C PHE B 83 -1.00 9.19 27.28
N VAL B 84 0.21 9.09 26.77
CA VAL B 84 0.62 7.99 25.91
C VAL B 84 1.98 7.49 26.41
N ASP B 85 2.75 6.85 25.53
CA ASP B 85 4.06 6.30 25.87
C ASP B 85 5.20 7.14 25.30
N TYR B 86 6.31 7.12 26.04
CA TYR B 86 7.50 7.91 25.78
C TYR B 86 8.74 7.06 25.93
N TYR B 87 9.65 7.22 24.99
CA TYR B 87 10.95 6.54 25.04
C TYR B 87 12.07 7.52 24.77
N CYS B 88 13.18 7.34 25.47
CA CYS B 88 14.40 8.00 25.09
C CYS B 88 15.19 7.05 24.21
N LEU B 89 16.09 7.65 23.40
CA LEU B 89 16.92 6.97 22.44
C LEU B 89 18.33 7.59 22.50
N GLN B 90 19.33 6.81 22.86
CA GLN B 90 20.73 7.31 22.73
C GLN B 90 21.29 6.95 21.36
N TYR B 91 21.79 7.96 20.65
CA TYR B 91 22.47 7.74 19.37
C TYR B 91 23.93 8.22 19.42
N ALA B 92 24.54 8.07 20.59
CA ALA B 92 25.94 8.43 20.77
C ALA B 92 26.84 7.41 20.11
N THR B 93 26.69 6.14 20.52
CA THR B 93 27.49 5.05 19.96
C THR B 93 26.61 3.82 19.62
N SER B 94 26.70 3.33 18.39
CA SER B 94 26.02 2.08 18.05
C SER B 94 26.63 0.95 18.87
N PRO B 95 25.84 -0.07 19.24
CA PRO B 95 24.39 -0.22 18.96
C PRO B 95 23.54 0.84 19.65
N TYR B 96 22.65 1.46 18.90
CA TYR B 96 21.77 2.44 19.51
C TYR B 96 20.81 1.74 20.45
N THR B 97 20.39 2.43 21.49
CA THR B 97 19.56 1.81 22.49
C THR B 97 18.52 2.75 23.05
N PHE B 98 17.38 2.16 23.41
CA PHE B 98 16.26 2.89 23.95
C PHE B 98 16.16 2.57 25.45
N GLY B 99 15.67 3.54 26.23
CA GLY B 99 15.18 3.26 27.58
C GLY B 99 13.92 2.45 27.46
N GLY B 100 13.44 1.94 28.58
CA GLY B 100 12.41 0.91 28.56
C GLY B 100 11.01 1.45 28.39
N GLY B 101 10.87 2.78 28.43
CA GLY B 101 9.57 3.37 28.18
C GLY B 101 8.84 3.83 29.43
N THR B 102 7.92 4.77 29.26
CA THR B 102 7.04 5.22 30.33
C THR B 102 5.68 5.26 29.71
N LYS B 103 4.69 4.69 30.39
CA LYS B 103 3.28 4.87 30.03
C LYS B 103 2.65 5.88 30.99
N LEU B 104 2.08 6.95 30.44
CA LEU B 104 1.41 7.99 31.21
C LEU B 104 -0.07 7.73 31.25
N GLU B 105 -0.64 7.65 32.44
CA GLU B 105 -2.08 7.39 32.55
C GLU B 105 -2.75 8.55 33.30
N ILE B 106 -4.01 8.83 32.98
CA ILE B 106 -4.79 9.90 33.61
C ILE B 106 -5.35 9.47 34.98
N LYS B 107 -5.01 10.24 36.01
CA LYS B 107 -5.62 10.11 37.34
C LYS B 107 -7.13 10.41 37.27
N ARG B 108 -7.92 9.68 38.04
CA ARG B 108 -9.36 9.92 38.18
C ARG B 108 -9.87 9.29 39.47
N ALA B 109 -11.13 9.54 39.80
CA ALA B 109 -11.75 9.01 41.03
C ALA B 109 -11.81 7.49 40.98
N ASP B 110 -11.35 6.85 42.05
CA ASP B 110 -11.47 5.41 42.21
C ASP B 110 -12.87 4.91 41.93
N ALA B 111 -12.95 3.80 41.19
CA ALA B 111 -14.23 3.20 40.83
C ALA B 111 -14.14 1.68 40.94
N ALA B 112 -15.21 1.07 41.46
CA ALA B 112 -15.27 -0.37 41.69
C ALA B 112 -15.68 -1.07 40.40
N PRO B 113 -15.17 -2.28 40.17
CA PRO B 113 -15.58 -2.92 38.90
C PRO B 113 -17.07 -3.33 38.91
N THR B 114 -17.74 -3.19 37.78
CA THR B 114 -19.02 -3.84 37.56
C THR B 114 -18.72 -5.26 37.06
N VAL B 115 -19.06 -6.27 37.87
CA VAL B 115 -18.74 -7.65 37.57
C VAL B 115 -19.95 -8.44 37.06
N SER B 116 -19.76 -9.14 35.95
CA SER B 116 -20.81 -9.96 35.39
C SER B 116 -20.25 -11.31 35.06
N ILE B 117 -21.00 -12.37 35.36
CA ILE B 117 -20.60 -13.74 35.01
C ILE B 117 -21.57 -14.39 34.02
N PHE B 118 -21.04 -15.23 33.12
CA PHE B 118 -21.85 -15.85 32.10
C PHE B 118 -21.58 -17.34 32.00
N PRO B 119 -22.65 -18.15 32.00
CA PRO B 119 -22.54 -19.58 31.73
C PRO B 119 -22.20 -19.87 30.27
N PRO B 120 -21.66 -21.06 29.98
CA PRO B 120 -21.48 -21.41 28.57
C PRO B 120 -22.81 -21.42 27.84
N SER B 121 -22.79 -21.05 26.56
CA SER B 121 -23.97 -21.18 25.70
C SER B 121 -24.24 -22.63 25.35
N SER B 122 -25.50 -22.94 25.08
CA SER B 122 -25.88 -24.27 24.61
C SER B 122 -25.22 -24.64 23.29
N GLU B 123 -25.09 -23.69 22.36
CA GLU B 123 -24.34 -23.98 21.12
C GLU B 123 -22.93 -24.38 21.45
N GLN B 124 -22.32 -23.72 22.44
CA GLN B 124 -20.96 -24.11 22.78
C GLN B 124 -20.91 -25.51 23.37
N LEU B 125 -21.82 -25.78 24.30
CA LEU B 125 -21.92 -27.11 24.92
C LEU B 125 -22.03 -28.24 23.87
N THR B 126 -22.84 -28.03 22.83
CA THR B 126 -22.94 -29.01 21.74
C THR B 126 -21.66 -29.16 20.88
N SER B 127 -20.66 -28.32 21.11
CA SER B 127 -19.38 -28.44 20.38
C SER B 127 -18.42 -29.40 21.07
N GLY B 128 -18.50 -29.44 22.40
CA GLY B 128 -17.54 -30.19 23.20
C GLY B 128 -16.93 -29.35 24.30
N GLY B 129 -17.16 -28.05 24.24
CA GLY B 129 -16.45 -27.11 25.13
C GLY B 129 -17.36 -26.28 26.01
N ALA B 130 -16.80 -25.74 27.09
CA ALA B 130 -17.56 -24.87 27.96
C ALA B 130 -16.69 -23.72 28.44
N SER B 131 -16.99 -22.50 27.99
CA SER B 131 -16.30 -21.30 28.44
C SER B 131 -17.18 -20.56 29.42
N VAL B 132 -16.62 -20.23 30.56
CA VAL B 132 -17.30 -19.37 31.50
C VAL B 132 -16.61 -18.03 31.36
N VAL B 133 -17.39 -16.96 31.31
CA VAL B 133 -16.83 -15.65 31.03
C VAL B 133 -17.22 -14.68 32.11
N CYS B 134 -16.22 -13.96 32.60
CA CYS B 134 -16.46 -12.96 33.57
C CYS B 134 -16.01 -11.61 33.04
N PHE B 135 -16.87 -10.60 33.10
CA PHE B 135 -16.46 -9.23 32.74
C PHE B 135 -16.37 -8.39 33.99
N LEU B 136 -15.26 -7.67 34.06
CA LEU B 136 -14.98 -6.75 35.15
C LEU B 136 -14.80 -5.41 34.50
N ASN B 137 -15.82 -4.56 34.58
CA ASN B 137 -15.87 -3.40 33.72
C ASN B 137 -15.76 -2.09 34.48
N ASN B 138 -15.16 -1.10 33.81
CA ASN B 138 -15.08 0.29 34.27
C ASN B 138 -14.49 0.53 35.67
N PHE B 139 -13.36 -0.07 35.99
CA PHE B 139 -12.72 0.20 37.28
C PHE B 139 -11.55 1.19 37.20
N TYR B 140 -11.26 1.87 38.31
CA TYR B 140 -10.03 2.64 38.50
C TYR B 140 -9.62 2.56 39.96
N PRO B 141 -8.32 2.37 40.25
CA PRO B 141 -7.15 2.16 39.35
C PRO B 141 -7.09 0.78 38.72
N LYS B 142 -6.04 0.61 37.90
CA LYS B 142 -5.97 -0.49 36.95
C LYS B 142 -5.58 -1.83 37.57
N ASP B 143 -4.97 -1.76 38.74
CA ASP B 143 -4.53 -2.93 39.48
C ASP B 143 -5.75 -3.69 39.95
N ILE B 144 -5.88 -4.91 39.48
CA ILE B 144 -7.01 -5.75 39.83
C ILE B 144 -6.60 -7.20 39.85
N ASN B 145 -7.26 -7.97 40.72
CA ASN B 145 -7.07 -9.41 40.83
C ASN B 145 -8.37 -10.16 40.57
N VAL B 146 -8.34 -11.13 39.66
CA VAL B 146 -9.46 -12.01 39.46
C VAL B 146 -9.11 -13.42 39.91
N LYS B 147 -10.06 -14.03 40.61
CA LYS B 147 -9.97 -15.42 40.98
C LYS B 147 -11.25 -16.14 40.60
N TRP B 148 -11.07 -17.33 40.05
CA TRP B 148 -12.15 -18.24 39.76
C TRP B 148 -12.29 -19.27 40.86
N LYS B 149 -13.55 -19.52 41.24
CA LYS B 149 -13.92 -20.61 42.17
C LYS B 149 -14.83 -21.63 41.51
N ILE B 150 -14.52 -22.90 41.75
CA ILE B 150 -15.38 -24.01 41.35
C ILE B 150 -15.76 -24.85 42.59
N ASP B 151 -17.07 -25.06 42.78
CA ASP B 151 -17.57 -25.74 44.00
C ASP B 151 -16.72 -25.36 45.21
N GLY B 152 -16.53 -24.06 45.39
CA GLY B 152 -15.78 -23.57 46.54
C GLY B 152 -14.27 -23.54 46.42
N SER B 153 -13.69 -24.28 45.47
CA SER B 153 -12.23 -24.36 45.34
C SER B 153 -11.68 -23.44 44.25
N GLU B 154 -10.52 -22.82 44.54
CA GLU B 154 -9.76 -22.01 43.59
C GLU B 154 -9.33 -22.80 42.35
N ARG B 155 -9.54 -22.23 41.16
CA ARG B 155 -9.14 -22.85 39.89
C ARG B 155 -8.18 -21.93 39.14
N GLN B 156 -7.05 -22.46 38.72
CA GLN B 156 -6.02 -21.67 38.01
C GLN B 156 -5.75 -22.03 36.55
N ASN B 157 -5.80 -23.31 36.23
CA ASN B 157 -5.64 -23.76 34.84
C ASN B 157 -6.85 -23.42 33.96
N GLY B 158 -6.57 -23.01 32.73
CA GLY B 158 -7.61 -22.74 31.73
C GLY B 158 -8.12 -21.31 31.74
N VAL B 159 -7.49 -20.45 32.52
CA VAL B 159 -7.93 -19.05 32.67
C VAL B 159 -7.15 -18.04 31.83
N LEU B 160 -7.85 -17.42 30.90
CA LEU B 160 -7.27 -16.47 29.97
C LEU B 160 -7.86 -15.10 30.22
N ASN B 161 -6.97 -14.13 30.35
CA ASN B 161 -7.36 -12.77 30.69
C ASN B 161 -7.07 -11.78 29.54
N SER B 162 -7.85 -10.73 29.47
CA SER B 162 -7.58 -9.72 28.49
C SER B 162 -7.97 -8.39 29.11
N TRP B 163 -7.18 -7.36 28.83
CA TRP B 163 -7.38 -6.03 29.41
C TRP B 163 -7.50 -5.00 28.34
N THR B 164 -8.42 -4.04 28.52
CA THR B 164 -8.51 -2.91 27.61
C THR B 164 -7.51 -1.84 28.03
N ASP B 165 -7.20 -0.94 27.12
CA ASP B 165 -6.40 0.24 27.50
C ASP B 165 -7.31 1.22 28.26
N GLN B 166 -6.72 2.21 28.92
CA GLN B 166 -7.52 3.26 29.55
C GLN B 166 -8.48 3.87 28.54
N ASP B 167 -9.76 3.89 28.90
CA ASP B 167 -10.83 4.42 28.07
C ASP B 167 -10.73 5.94 27.95
N SER B 168 -10.84 6.47 26.74
CA SER B 168 -10.63 7.90 26.48
C SER B 168 -11.79 8.81 26.92
N LYS B 169 -12.96 8.23 27.20
CA LYS B 169 -14.13 9.02 27.64
C LYS B 169 -14.27 9.15 29.17
N ASP B 170 -14.05 8.05 29.89
CA ASP B 170 -14.20 8.05 31.36
C ASP B 170 -12.92 7.69 32.14
N SER B 171 -11.88 7.27 31.41
CA SER B 171 -10.57 6.97 32.01
C SER B 171 -10.53 5.73 32.93
N THR B 172 -11.48 4.83 32.74
CA THR B 172 -11.52 3.59 33.51
C THR B 172 -10.89 2.46 32.70
N TYR B 173 -10.62 1.34 33.36
CA TYR B 173 -10.14 0.12 32.72
C TYR B 173 -11.24 -0.95 32.79
N SER B 174 -11.24 -1.84 31.81
CA SER B 174 -12.12 -3.01 31.80
C SER B 174 -11.28 -4.27 31.54
N MET B 175 -11.82 -5.41 31.97
CA MET B 175 -11.11 -6.66 31.90
C MET B 175 -12.08 -7.80 31.69
N SER B 176 -11.70 -8.75 30.85
CA SER B 176 -12.48 -9.98 30.68
C SER B 176 -11.60 -11.07 31.17
N SER B 177 -12.22 -12.09 31.75
CA SER B 177 -11.54 -13.31 32.16
C SER B 177 -12.42 -14.47 31.70
N THR B 178 -11.78 -15.46 31.10
CA THR B 178 -12.47 -16.55 30.50
C THR B 178 -11.87 -17.84 31.03
N LEU B 179 -12.73 -18.73 31.54
CA LEU B 179 -12.33 -20.03 32.02
C LEU B 179 -12.84 -21.09 31.06
N THR B 180 -11.93 -21.80 30.40
CA THR B 180 -12.34 -22.78 29.41
C THR B 180 -12.14 -24.23 29.83
N LEU B 181 -13.20 -25.01 29.73
CA LEU B 181 -13.21 -26.43 30.12
C LEU B 181 -13.79 -27.31 29.02
N THR B 182 -13.48 -28.60 29.05
CA THR B 182 -14.30 -29.53 28.26
C THR B 182 -15.73 -29.58 28.83
N LYS B 183 -16.70 -29.86 27.96
CA LYS B 183 -18.08 -30.15 28.34
C LYS B 183 -18.19 -31.01 29.62
N ASP B 184 -17.40 -32.08 29.68
CA ASP B 184 -17.54 -33.09 30.74
C ASP B 184 -17.04 -32.59 32.08
N GLU B 185 -15.85 -31.98 32.07
CA GLU B 185 -15.30 -31.35 33.26
C GLU B 185 -16.24 -30.29 33.83
N TYR B 186 -16.88 -29.51 32.95
CA TYR B 186 -17.86 -28.48 33.34
C TYR B 186 -19.10 -29.03 34.04
N GLU B 187 -19.57 -30.18 33.55
CA GLU B 187 -20.80 -30.81 34.04
C GLU B 187 -20.56 -31.71 35.27
N ARG B 188 -19.29 -31.89 35.61
CA ARG B 188 -18.88 -32.55 36.84
C ARG B 188 -19.01 -31.62 38.03
N HIS B 189 -19.38 -30.37 37.78
CA HIS B 189 -19.38 -29.39 38.86
C HIS B 189 -20.57 -28.48 38.84
N ASN B 190 -20.75 -27.79 39.96
CA ASN B 190 -21.98 -27.08 40.18
C ASN B 190 -21.88 -25.55 40.20
N SER B 191 -21.23 -24.98 41.23
CA SER B 191 -21.20 -23.52 41.35
C SER B 191 -19.94 -22.96 40.68
N TYR B 192 -20.10 -21.83 40.01
CA TYR B 192 -18.99 -21.14 39.35
C TYR B 192 -19.02 -19.70 39.80
N THR B 193 -17.87 -19.21 40.23
CA THR B 193 -17.77 -17.89 40.80
C THR B 193 -16.55 -17.17 40.21
N CYS B 194 -16.69 -15.89 39.90
CA CYS B 194 -15.52 -15.09 39.65
C CYS B 194 -15.50 -14.01 40.71
N GLU B 195 -14.30 -13.81 41.26
CA GLU B 195 -14.05 -12.93 42.41
C GLU B 195 -13.04 -11.88 42.00
N ALA B 196 -13.38 -10.62 42.23
CA ALA B 196 -12.53 -9.49 41.89
C ALA B 196 -12.03 -8.82 43.15
N THR B 197 -10.72 -8.71 43.31
CA THR B 197 -10.20 -7.89 44.39
C THR B 197 -9.62 -6.55 43.87
N HIS B 198 -10.03 -5.47 44.50
CA HIS B 198 -9.75 -4.11 44.05
C HIS B 198 -9.72 -3.15 45.22
N LYS B 199 -8.86 -2.14 45.12
CA LYS B 199 -8.66 -1.16 46.19
C LYS B 199 -9.93 -0.55 46.74
N THR B 200 -10.95 -0.38 45.89
CA THR B 200 -12.17 0.37 46.24
C THR B 200 -13.08 -0.28 47.30
N SER B 201 -12.82 -1.53 47.62
CA SER B 201 -13.60 -2.24 48.63
C SER B 201 -12.65 -3.19 49.31
N THR B 202 -12.81 -3.31 50.62
CA THR B 202 -11.96 -4.19 51.41
C THR B 202 -12.25 -5.67 51.13
N SER B 203 -13.50 -5.98 50.80
CA SER B 203 -13.88 -7.35 50.48
C SER B 203 -14.16 -7.51 48.99
N PRO B 204 -13.92 -8.72 48.45
CA PRO B 204 -14.07 -8.96 47.01
C PRO B 204 -15.51 -8.79 46.51
N ILE B 205 -15.64 -8.41 45.23
CA ILE B 205 -16.92 -8.47 44.53
C ILE B 205 -16.95 -9.89 43.97
N VAL B 206 -18.10 -10.55 44.11
CA VAL B 206 -18.24 -11.99 43.84
C VAL B 206 -19.52 -12.22 43.02
N LYS B 207 -19.39 -12.90 41.89
CA LYS B 207 -20.52 -13.26 41.07
C LYS B 207 -20.45 -14.74 40.85
N SER B 208 -21.59 -15.37 40.97
CA SER B 208 -21.68 -16.80 40.85
C SER B 208 -22.90 -17.16 40.09
N PHE B 209 -22.87 -18.37 39.59
CA PHE B 209 -24.09 -19.06 39.21
C PHE B 209 -23.92 -20.54 39.56
N ASN B 210 -25.00 -21.27 39.36
CA ASN B 210 -25.12 -22.67 39.66
C ASN B 210 -25.67 -23.25 38.37
N ARG B 211 -25.04 -24.28 37.82
CA ARG B 211 -25.54 -24.82 36.55
C ARG B 211 -26.68 -25.84 36.71
N ASN B 212 -26.81 -26.42 37.90
CA ASN B 212 -27.98 -27.24 38.24
C ASN B 212 -29.20 -26.38 38.64
N GLU B 213 -29.01 -25.06 38.66
CA GLU B 213 -30.10 -24.10 38.81
C GLU B 213 -30.58 -23.75 37.39
N CYS B 214 -31.39 -24.64 36.83
CA CYS B 214 -31.80 -24.63 35.41
C CYS B 214 -30.63 -24.97 34.49
N GLN C 1 -17.74 -18.13 -30.33
CA GLN C 1 -17.10 -16.83 -30.63
C GLN C 1 -17.80 -15.67 -29.92
N VAL C 2 -17.54 -15.50 -28.62
CA VAL C 2 -18.05 -14.31 -27.92
C VAL C 2 -17.21 -13.12 -28.36
N GLN C 3 -17.88 -12.04 -28.75
CA GLN C 3 -17.17 -10.93 -29.30
C GLN C 3 -17.77 -9.61 -28.84
N LEU C 4 -16.89 -8.64 -28.56
CA LEU C 4 -17.28 -7.30 -28.18
C LEU C 4 -16.50 -6.34 -29.04
N GLN C 5 -17.14 -5.90 -30.13
CA GLN C 5 -16.52 -5.00 -31.10
C GLN C 5 -16.72 -3.55 -30.66
N GLN C 6 -15.62 -2.83 -30.52
CA GLN C 6 -15.66 -1.44 -30.11
C GLN C 6 -15.41 -0.52 -31.29
N SER C 7 -16.02 0.67 -31.25
CA SER C 7 -15.93 1.63 -32.33
C SER C 7 -14.47 2.06 -32.52
N GLY C 8 -14.22 2.81 -33.59
CA GLY C 8 -12.87 3.28 -33.91
C GLY C 8 -12.47 4.52 -33.15
N ALA C 9 -11.16 4.72 -33.04
CA ALA C 9 -10.57 5.90 -32.39
C ALA C 9 -11.31 7.20 -32.74
N GLU C 10 -11.39 8.10 -31.75
CA GLU C 10 -12.13 9.36 -31.86
C GLU C 10 -11.30 10.57 -31.41
N LEU C 11 -11.45 11.69 -32.11
CA LEU C 11 -10.94 13.01 -31.66
C LEU C 11 -12.09 14.00 -31.50
N MET C 12 -12.05 14.79 -30.43
CA MET C 12 -13.08 15.80 -30.18
C MET C 12 -12.52 17.01 -29.45
N LYS C 13 -12.92 18.19 -29.89
CA LYS C 13 -12.37 19.45 -29.35
C LYS C 13 -12.83 19.63 -27.89
N PRO C 14 -12.06 20.38 -27.08
CA PRO C 14 -12.34 20.54 -25.65
C PRO C 14 -13.67 21.24 -25.33
N GLY C 15 -14.75 20.46 -25.26
CA GLY C 15 -16.04 20.99 -24.84
C GLY C 15 -17.23 20.24 -25.39
N ALA C 16 -17.03 19.52 -26.49
CA ALA C 16 -18.10 18.73 -27.11
C ALA C 16 -18.28 17.33 -26.42
N SER C 17 -19.05 16.46 -27.06
CA SER C 17 -19.39 15.15 -26.50
C SER C 17 -19.07 14.04 -27.47
N VAL C 18 -18.88 12.82 -26.94
CA VAL C 18 -18.72 11.67 -27.82
C VAL C 18 -19.58 10.47 -27.41
N LYS C 19 -19.83 9.59 -28.37
CA LYS C 19 -20.59 8.39 -28.17
C LYS C 19 -19.78 7.18 -28.63
N LEU C 20 -19.30 6.40 -27.66
CA LEU C 20 -18.56 5.19 -27.95
C LEU C 20 -19.54 4.04 -27.96
N SER C 21 -19.22 2.99 -28.70
CA SER C 21 -20.17 1.95 -28.98
C SER C 21 -19.53 0.60 -28.72
N CYS C 22 -20.31 -0.33 -28.19
CA CYS C 22 -19.80 -1.67 -27.93
C CYS C 22 -20.81 -2.68 -28.49
N LYS C 23 -20.34 -3.51 -29.42
CA LYS C 23 -21.21 -4.37 -30.20
C LYS C 23 -20.94 -5.82 -29.87
N ALA C 24 -21.98 -6.53 -29.46
CA ALA C 24 -21.81 -7.90 -28.98
C ALA C 24 -22.18 -8.95 -30.01
N ALA C 25 -21.60 -10.14 -29.90
CA ALA C 25 -22.06 -11.27 -30.72
C ALA C 25 -21.73 -12.60 -30.06
N GLY C 26 -22.60 -13.57 -30.28
CA GLY C 26 -22.32 -14.95 -29.92
C GLY C 26 -22.82 -15.28 -28.53
N TYR C 27 -23.70 -14.43 -28.01
CA TYR C 27 -24.35 -14.70 -26.73
C TYR C 27 -25.67 -13.94 -26.66
N THR C 28 -26.50 -14.26 -25.68
CA THR C 28 -27.75 -13.58 -25.46
C THR C 28 -27.52 -12.22 -24.82
N PHE C 29 -27.85 -11.18 -25.57
CA PHE C 29 -27.46 -9.80 -25.24
C PHE C 29 -28.01 -9.18 -23.96
N THR C 30 -29.28 -9.46 -23.69
CA THR C 30 -30.00 -8.91 -22.52
C THR C 30 -29.56 -9.57 -21.22
N ALA C 31 -28.87 -10.69 -21.34
CA ALA C 31 -28.47 -11.49 -20.18
C ALA C 31 -27.18 -11.03 -19.48
N TYR C 32 -26.51 -9.99 -20.02
CA TYR C 32 -25.20 -9.55 -19.48
C TYR C 32 -25.16 -8.04 -19.33
N TRP C 33 -24.63 -7.50 -18.23
CA TRP C 33 -24.32 -6.04 -18.18
C TRP C 33 -23.16 -5.74 -19.08
N ILE C 34 -23.10 -4.50 -19.58
CA ILE C 34 -21.97 -4.01 -20.34
C ILE C 34 -21.28 -3.07 -19.40
N GLU C 35 -19.98 -3.26 -19.21
CA GLU C 35 -19.18 -2.48 -18.25
C GLU C 35 -18.20 -1.59 -19.05
N TRP C 36 -17.92 -0.39 -18.55
CA TRP C 36 -17.05 0.59 -19.19
C TRP C 36 -15.98 0.99 -18.24
N ILE C 37 -14.78 1.08 -18.78
CA ILE C 37 -13.58 1.19 -17.98
C ILE C 37 -12.68 2.21 -18.63
N ARG C 38 -12.04 3.04 -17.80
CA ARG C 38 -11.12 4.03 -18.31
C ARG C 38 -9.69 3.70 -17.96
N GLN C 39 -8.79 3.99 -18.89
CA GLN C 39 -7.36 4.05 -18.57
C GLN C 39 -6.69 5.31 -19.16
N ARG C 40 -6.25 6.21 -18.30
CA ARG C 40 -5.38 7.34 -18.70
C ARG C 40 -3.93 6.90 -19.05
N PRO C 41 -3.25 7.62 -19.96
CA PRO C 41 -1.89 7.21 -20.38
C PRO C 41 -0.93 6.97 -19.22
N GLY C 42 -0.28 5.81 -19.20
CA GLY C 42 0.61 5.42 -18.11
C GLY C 42 -0.05 5.14 -16.76
N HIS C 43 -1.37 5.09 -16.74
CA HIS C 43 -2.09 4.91 -15.47
C HIS C 43 -2.83 3.59 -15.39
N GLY C 44 -3.45 3.35 -14.24
CA GLY C 44 -4.20 2.12 -14.02
C GLY C 44 -5.56 2.15 -14.66
N LEU C 45 -6.35 1.12 -14.36
CA LEU C 45 -7.65 0.96 -14.97
C LEU C 45 -8.58 1.50 -13.94
N GLU C 46 -9.69 2.07 -14.40
CA GLU C 46 -10.74 2.61 -13.52
C GLU C 46 -12.10 2.21 -14.04
N TRP C 47 -12.98 1.81 -13.13
CA TRP C 47 -14.33 1.44 -13.51
C TRP C 47 -15.21 2.66 -13.74
N ILE C 48 -15.99 2.69 -14.83
CA ILE C 48 -16.84 3.86 -15.10
C ILE C 48 -18.32 3.56 -14.79
N GLY C 49 -18.86 2.49 -15.33
CA GLY C 49 -20.27 2.21 -15.12
C GLY C 49 -20.72 1.08 -15.97
N GLU C 50 -22.02 0.82 -15.94
CA GLU C 50 -22.59 -0.31 -16.62
C GLU C 50 -24.04 -0.11 -17.02
N ILE C 51 -24.56 -1.02 -17.85
CA ILE C 51 -25.94 -0.98 -18.19
C ILE C 51 -26.32 -2.39 -18.44
N LEU C 52 -27.56 -2.72 -18.08
CA LEU C 52 -28.14 -4.00 -18.41
C LEU C 52 -29.18 -3.85 -19.52
N PRO C 53 -28.89 -4.37 -20.72
CA PRO C 53 -29.86 -4.19 -21.83
C PRO C 53 -30.96 -5.25 -21.89
N GLY C 54 -32.16 -4.91 -22.38
CA GLY C 54 -32.66 -3.56 -22.40
C GLY C 54 -33.55 -3.55 -21.17
N SER C 55 -33.15 -2.70 -20.22
CA SER C 55 -33.87 -2.49 -19.00
C SER C 55 -33.45 -1.07 -18.70
N SER C 56 -33.99 -0.46 -17.66
CA SER C 56 -33.66 0.93 -17.29
C SER C 56 -32.46 0.98 -16.35
N SER C 57 -31.82 -0.16 -16.15
CA SER C 57 -30.86 -0.28 -15.09
C SER C 57 -29.46 0.10 -15.57
N THR C 58 -28.94 1.19 -15.02
CA THR C 58 -27.55 1.59 -15.18
C THR C 58 -27.00 1.92 -13.82
N ASN C 59 -25.67 1.86 -13.68
CA ASN C 59 -24.98 2.23 -12.46
C ASN C 59 -23.67 2.85 -12.86
N CYS C 60 -23.11 3.67 -11.98
CA CYS C 60 -21.82 4.29 -12.26
C CYS C 60 -21.06 4.75 -11.02
N ASN C 61 -19.77 4.94 -11.21
CA ASN C 61 -18.85 5.47 -10.25
C ASN C 61 -19.12 6.97 -10.09
N GLU C 62 -19.20 7.42 -8.84
CA GLU C 62 -19.54 8.80 -8.48
C GLU C 62 -18.70 9.83 -9.23
N MET C 63 -17.43 9.51 -9.46
CA MET C 63 -16.48 10.35 -10.19
C MET C 63 -16.99 10.84 -11.56
N PHE C 64 -17.82 10.03 -12.21
CA PHE C 64 -18.27 10.35 -13.56
C PHE C 64 -19.73 10.79 -13.65
N LYS C 65 -20.28 11.21 -12.51
CA LYS C 65 -21.65 11.77 -12.43
C LYS C 65 -21.79 13.03 -13.29
N GLY C 66 -22.63 12.95 -14.31
CA GLY C 66 -22.81 14.04 -15.27
C GLY C 66 -21.76 14.06 -16.39
N LYS C 67 -20.88 13.06 -16.39
CA LYS C 67 -19.87 12.93 -17.43
C LYS C 67 -20.31 11.87 -18.43
N ALA C 68 -20.89 10.78 -17.92
CA ALA C 68 -21.19 9.65 -18.77
C ALA C 68 -22.65 9.20 -18.73
N THR C 69 -23.12 8.63 -19.84
CA THR C 69 -24.49 8.17 -19.95
C THR C 69 -24.48 6.89 -20.76
N PHE C 70 -25.36 5.97 -20.40
CA PHE C 70 -25.35 4.65 -21.00
C PHE C 70 -26.69 4.30 -21.64
N THR C 71 -26.66 3.68 -22.81
CA THR C 71 -27.87 3.13 -23.42
C THR C 71 -27.51 1.85 -24.15
N ALA C 72 -28.53 1.12 -24.55
CA ALA C 72 -28.36 -0.09 -25.32
C ALA C 72 -29.42 -0.27 -26.43
N ASP C 73 -29.13 -1.12 -27.39
CA ASP C 73 -30.02 -1.34 -28.52
C ASP C 73 -30.01 -2.83 -28.85
N THR C 74 -31.08 -3.52 -28.44
CA THR C 74 -31.19 -4.96 -28.57
C THR C 74 -31.31 -5.42 -30.02
N SER C 75 -31.84 -4.56 -30.89
CA SER C 75 -31.96 -4.93 -32.30
C SER C 75 -30.58 -5.10 -32.95
N SER C 76 -29.64 -4.32 -32.46
CA SER C 76 -28.25 -4.35 -32.93
C SER C 76 -27.37 -5.25 -32.07
N ASN C 77 -27.82 -5.56 -30.84
CA ASN C 77 -26.91 -6.05 -29.80
C ASN C 77 -25.75 -5.06 -29.56
N SER C 78 -26.07 -3.78 -29.40
CA SER C 78 -25.07 -2.73 -29.20
C SER C 78 -25.35 -1.93 -27.95
N ALA C 79 -24.28 -1.60 -27.21
CA ALA C 79 -24.37 -0.68 -26.06
C ALA C 79 -23.49 0.51 -26.33
N TYR C 80 -23.85 1.66 -25.77
CA TYR C 80 -23.15 2.92 -26.04
C TYR C 80 -22.91 3.69 -24.77
N MET C 81 -21.75 4.35 -24.68
CA MET C 81 -21.51 5.28 -23.57
C MET C 81 -21.29 6.64 -24.19
N GLN C 82 -21.95 7.63 -23.63
CA GLN C 82 -21.72 9.00 -24.08
C GLN C 82 -20.99 9.76 -23.01
N LEU C 83 -19.92 10.43 -23.41
CA LEU C 83 -19.14 11.30 -22.55
C LEU C 83 -19.36 12.72 -23.05
N SER C 84 -19.76 13.58 -22.13
CA SER C 84 -20.12 14.96 -22.46
C SER C 84 -19.15 15.89 -21.76
N SER C 85 -19.08 17.15 -22.20
CA SER C 85 -18.20 18.19 -21.60
C SER C 85 -16.72 17.84 -21.68
N LEU C 86 -16.29 17.32 -22.83
CA LEU C 86 -14.95 16.73 -22.94
C LEU C 86 -13.84 17.71 -22.62
N THR C 87 -12.93 17.28 -21.75
CA THR C 87 -11.72 18.04 -21.37
C THR C 87 -10.42 17.27 -21.69
N THR C 88 -9.30 17.97 -21.64
CA THR C 88 -7.98 17.37 -21.89
C THR C 88 -7.81 16.10 -21.07
N GLU C 89 -8.38 16.15 -19.86
CA GLU C 89 -8.26 15.07 -18.88
C GLU C 89 -8.93 13.76 -19.31
N ASP C 90 -9.93 13.84 -20.19
CA ASP C 90 -10.71 12.66 -20.61
C ASP C 90 -10.09 11.89 -21.76
N SER C 91 -8.91 12.35 -22.18
CA SER C 91 -8.15 11.66 -23.23
C SER C 91 -7.73 10.33 -22.63
N ALA C 92 -8.13 9.22 -23.23
CA ALA C 92 -7.86 7.92 -22.60
C ALA C 92 -8.30 6.81 -23.51
N ILE C 93 -8.01 5.57 -23.10
CA ILE C 93 -8.58 4.40 -23.76
C ILE C 93 -9.77 3.95 -22.93
N TYR C 94 -10.87 3.66 -23.62
CA TYR C 94 -12.12 3.25 -23.00
C TYR C 94 -12.41 1.84 -23.44
N TYR C 95 -12.50 0.94 -22.47
CA TYR C 95 -12.73 -0.46 -22.75
C TYR C 95 -14.14 -0.84 -22.36
N CYS C 96 -14.72 -1.81 -23.06
CA CYS C 96 -15.96 -2.38 -22.63
C CYS C 96 -15.73 -3.86 -22.37
N THR C 97 -16.43 -4.37 -21.37
CA THR C 97 -16.45 -5.79 -21.07
C THR C 97 -17.87 -6.18 -20.64
N ARG C 98 -18.08 -7.41 -20.23
CA ARG C 98 -19.41 -7.85 -19.85
C ARG C 98 -19.40 -8.54 -18.45
N ASP C 99 -20.59 -8.72 -17.87
CA ASP C 99 -20.76 -9.20 -16.52
C ASP C 99 -22.18 -9.85 -16.46
N PHE C 100 -22.25 -11.17 -16.33
CA PHE C 100 -23.51 -11.88 -16.45
C PHE C 100 -24.48 -11.48 -15.35
N SER C 101 -25.74 -11.29 -15.75
CA SER C 101 -26.84 -11.09 -14.80
C SER C 101 -27.38 -12.43 -14.29
N GLY C 102 -26.67 -13.01 -13.33
CA GLY C 102 -26.98 -14.38 -12.90
C GLY C 102 -25.84 -14.87 -12.04
N ASP C 103 -25.87 -16.16 -11.74
CA ASP C 103 -24.96 -16.80 -10.80
C ASP C 103 -24.15 -17.84 -11.55
N ARG C 104 -23.06 -17.41 -12.16
CA ARG C 104 -22.24 -18.33 -12.94
C ARG C 104 -20.81 -17.82 -12.83
N SER C 105 -19.99 -18.59 -12.12
CA SER C 105 -18.71 -18.11 -11.61
C SER C 105 -17.74 -17.58 -12.65
N ASN C 106 -17.88 -18.05 -13.89
CA ASN C 106 -16.91 -17.72 -14.94
C ASN C 106 -17.33 -16.62 -15.88
N LEU C 107 -18.45 -15.97 -15.61
CA LEU C 107 -19.03 -15.08 -16.60
C LEU C 107 -19.00 -13.60 -16.20
N TYR C 108 -18.07 -13.25 -15.34
CA TYR C 108 -17.92 -11.88 -14.86
C TYR C 108 -16.63 -11.26 -15.38
N PHE C 109 -16.74 -10.22 -16.20
CA PHE C 109 -15.57 -9.50 -16.77
C PHE C 109 -14.64 -10.43 -17.51
N ASP C 110 -15.21 -11.27 -18.38
CA ASP C 110 -14.49 -12.41 -18.99
C ASP C 110 -13.97 -12.13 -20.39
N VAL C 111 -14.75 -11.42 -21.21
CA VAL C 111 -14.35 -11.01 -22.57
C VAL C 111 -14.17 -9.49 -22.60
N TRP C 112 -13.04 -9.03 -23.14
CA TRP C 112 -12.79 -7.58 -23.22
C TRP C 112 -12.73 -7.08 -24.62
N GLY C 113 -13.42 -5.98 -24.92
CA GLY C 113 -13.18 -5.22 -26.14
C GLY C 113 -11.76 -4.66 -26.19
N THR C 114 -11.30 -4.32 -27.38
CA THR C 114 -9.90 -3.93 -27.61
C THR C 114 -9.62 -2.47 -27.32
N GLY C 115 -10.65 -1.70 -27.00
CA GLY C 115 -10.43 -0.32 -26.56
C GLY C 115 -10.74 0.70 -27.62
N THR C 116 -11.16 1.87 -27.17
CA THR C 116 -11.43 3.00 -28.03
C THR C 116 -10.70 4.17 -27.43
N THR C 117 -9.84 4.79 -28.24
CA THR C 117 -9.07 5.93 -27.82
C THR C 117 -9.82 7.20 -28.16
N VAL C 118 -9.86 8.08 -27.18
CA VAL C 118 -10.46 9.37 -27.28
C VAL C 118 -9.34 10.35 -27.03
N THR C 119 -9.02 11.20 -28.01
CA THR C 119 -8.12 12.32 -27.77
C THR C 119 -8.98 13.59 -27.75
N VAL C 120 -8.61 14.52 -26.87
CA VAL C 120 -9.31 15.77 -26.69
C VAL C 120 -8.28 16.89 -26.80
N SER C 121 -8.42 17.71 -27.84
CA SER C 121 -7.44 18.76 -28.17
C SER C 121 -8.03 19.89 -29.01
N SER C 122 -7.47 21.10 -28.81
CA SER C 122 -7.84 22.30 -29.57
C SER C 122 -7.20 22.32 -30.95
N ALA C 123 -6.06 21.65 -31.09
CA ALA C 123 -5.20 21.76 -32.26
C ALA C 123 -5.89 21.41 -33.58
N LYS C 124 -5.48 22.11 -34.63
CA LYS C 124 -5.88 21.77 -35.99
C LYS C 124 -4.88 20.75 -36.52
N THR C 125 -5.26 20.03 -37.58
CA THR C 125 -4.31 19.18 -38.29
C THR C 125 -3.11 20.00 -38.78
N THR C 126 -1.92 19.45 -38.61
CA THR C 126 -0.68 20.19 -38.79
C THR C 126 0.38 19.19 -39.25
N PRO C 127 1.00 19.44 -40.42
CA PRO C 127 2.01 18.53 -40.95
C PRO C 127 3.28 18.55 -40.09
N PRO C 128 4.04 17.46 -40.06
CA PRO C 128 5.28 17.48 -39.29
C PRO C 128 6.37 18.31 -39.97
N SER C 129 7.31 18.79 -39.16
CA SER C 129 8.57 19.28 -39.68
C SER C 129 9.66 18.26 -39.34
N VAL C 130 10.25 17.70 -40.39
CA VAL C 130 11.25 16.65 -40.24
C VAL C 130 12.64 17.23 -40.43
N TYR C 131 13.44 17.19 -39.37
CA TYR C 131 14.80 17.75 -39.38
C TYR C 131 15.87 16.67 -39.24
N PRO C 132 16.95 16.77 -40.03
CA PRO C 132 18.06 15.82 -39.92
C PRO C 132 18.84 16.02 -38.62
N LEU C 133 19.41 14.92 -38.12
CA LEU C 133 20.24 14.98 -36.90
C LEU C 133 21.59 14.31 -37.18
N ALA C 134 22.48 15.06 -37.81
CA ALA C 134 23.83 14.59 -38.11
C ALA C 134 24.77 14.98 -36.98
N PRO C 135 25.80 14.15 -36.71
CA PRO C 135 26.73 14.40 -35.60
C PRO C 135 27.62 15.64 -35.80
N GLY C 136 28.54 15.88 -34.87
CA GLY C 136 29.49 16.98 -34.97
C GLY C 136 30.62 16.70 -35.94
N SER C 143 33.98 3.46 -34.07
CA SER C 143 33.32 2.23 -34.48
C SER C 143 31.84 2.46 -34.82
N MET C 144 31.09 2.95 -33.83
CA MET C 144 29.64 3.15 -33.98
C MET C 144 29.25 4.61 -34.05
N VAL C 145 28.47 4.97 -35.07
CA VAL C 145 27.96 6.34 -35.20
C VAL C 145 26.43 6.37 -35.16
N THR C 146 25.89 7.34 -34.42
CA THR C 146 24.45 7.50 -34.26
C THR C 146 23.90 8.67 -35.06
N LEU C 147 22.94 8.36 -35.94
CA LEU C 147 22.21 9.36 -36.72
C LEU C 147 20.72 9.33 -36.32
N GLY C 148 19.96 10.32 -36.79
CA GLY C 148 18.54 10.43 -36.44
C GLY C 148 17.80 11.53 -37.16
N CYS C 149 16.51 11.67 -36.86
CA CYS C 149 15.76 12.83 -37.34
C CYS C 149 14.65 13.24 -36.39
N LEU C 150 14.74 14.48 -35.93
CA LEU C 150 13.75 15.09 -35.08
C LEU C 150 12.50 15.37 -35.91
N VAL C 151 11.34 14.90 -35.44
CA VAL C 151 10.06 15.11 -36.11
C VAL C 151 9.24 16.02 -35.21
N LYS C 152 8.87 17.18 -35.73
CA LYS C 152 8.40 18.27 -34.87
C LYS C 152 7.15 18.96 -35.40
N GLY C 153 6.27 19.32 -34.46
CA GLY C 153 5.11 20.14 -34.76
C GLY C 153 3.99 19.52 -35.58
N TYR C 154 3.75 18.23 -35.38
CA TYR C 154 2.61 17.56 -36.02
C TYR C 154 1.44 17.31 -35.06
N PHE C 155 0.26 17.18 -35.64
CA PHE C 155 -0.97 16.82 -34.94
C PHE C 155 -1.97 16.29 -35.97
N PRO C 156 -2.72 15.23 -35.62
CA PRO C 156 -2.65 14.42 -34.41
C PRO C 156 -1.63 13.28 -34.52
N GLU C 157 -1.47 12.52 -33.45
CA GLU C 157 -0.79 11.24 -33.51
C GLU C 157 -1.60 10.35 -34.45
N PRO C 158 -0.97 9.35 -35.09
CA PRO C 158 0.44 8.98 -35.01
C PRO C 158 1.27 9.35 -36.26
N VAL C 159 2.59 9.25 -36.13
CA VAL C 159 3.49 9.17 -37.28
C VAL C 159 4.13 7.79 -37.31
N THR C 160 4.70 7.44 -38.47
CA THR C 160 5.55 6.26 -38.61
C THR C 160 6.92 6.66 -39.14
N VAL C 161 7.96 6.32 -38.39
CA VAL C 161 9.33 6.55 -38.82
C VAL C 161 9.98 5.23 -39.24
N THR C 162 10.33 5.12 -40.52
CA THR C 162 11.14 4.02 -41.01
C THR C 162 12.56 4.53 -41.31
N TRP C 163 13.44 3.62 -41.73
CA TRP C 163 14.79 3.98 -42.17
C TRP C 163 15.14 3.18 -43.38
N ASN C 164 15.55 3.89 -44.43
CA ASN C 164 15.75 3.31 -45.75
C ASN C 164 14.56 2.43 -46.16
N SER C 165 13.36 3.01 -46.04
CA SER C 165 12.08 2.35 -46.34
C SER C 165 11.92 0.94 -45.72
N GLY C 166 12.54 0.74 -44.55
CA GLY C 166 12.45 -0.52 -43.80
C GLY C 166 13.68 -1.40 -43.79
N SER C 167 14.66 -1.06 -44.64
CA SER C 167 15.86 -1.88 -44.82
C SER C 167 16.77 -1.97 -43.59
N LEU C 168 16.84 -0.88 -42.84
CA LEU C 168 17.76 -0.77 -41.73
C LEU C 168 16.92 -0.46 -40.48
N SER C 169 16.82 -1.45 -39.59
CA SER C 169 15.92 -1.37 -38.44
C SER C 169 16.51 -1.97 -37.16
N SER C 170 17.65 -2.66 -37.29
CA SER C 170 18.29 -3.35 -36.16
C SER C 170 18.89 -2.42 -35.08
N GLY C 171 19.05 -1.14 -35.41
CA GLY C 171 19.64 -0.18 -34.47
C GLY C 171 18.76 1.03 -34.19
N VAL C 172 17.49 0.91 -34.58
CA VAL C 172 16.52 2.01 -34.49
C VAL C 172 15.90 2.14 -33.09
N HIS C 173 15.86 3.38 -32.59
CA HIS C 173 15.08 3.75 -31.42
C HIS C 173 14.22 4.92 -31.77
N THR C 174 12.93 4.64 -31.98
CA THR C 174 11.94 5.70 -32.11
C THR C 174 11.22 5.88 -30.80
N PHE C 175 11.20 7.13 -30.36
CA PHE C 175 10.74 7.49 -29.04
C PHE C 175 9.27 7.89 -29.11
N PRO C 176 8.55 7.78 -27.98
CA PRO C 176 7.15 8.17 -28.03
C PRO C 176 7.03 9.69 -28.01
N ALA C 177 5.95 10.20 -28.59
CA ALA C 177 5.69 11.63 -28.67
C ALA C 177 5.54 12.32 -27.30
N VAL C 178 5.77 13.64 -27.29
CA VAL C 178 5.39 14.51 -26.17
C VAL C 178 4.63 15.75 -26.67
N LEU C 179 3.89 16.40 -25.78
CA LEU C 179 3.12 17.59 -26.13
C LEU C 179 3.97 18.85 -25.95
N GLN C 180 3.67 19.88 -26.74
CA GLN C 180 4.51 21.08 -26.83
C GLN C 180 3.73 22.36 -26.41
N SER C 181 3.08 22.96 -27.41
CA SER C 181 2.06 23.97 -27.15
C SER C 181 0.75 23.22 -27.16
N ASP C 182 0.39 22.70 -28.33
CA ASP C 182 -0.74 21.81 -28.50
C ASP C 182 -0.31 20.83 -29.59
N LEU C 183 1.00 20.59 -29.68
CA LEU C 183 1.56 19.81 -30.78
C LEU C 183 2.50 18.68 -30.33
N TYR C 184 2.59 17.63 -31.14
CA TYR C 184 3.42 16.47 -30.81
C TYR C 184 4.79 16.52 -31.47
N THR C 185 5.78 16.02 -30.74
CA THR C 185 7.14 15.90 -31.24
C THR C 185 7.72 14.61 -30.72
N LEU C 186 8.40 13.88 -31.61
CA LEU C 186 9.24 12.76 -31.22
C LEU C 186 10.61 12.83 -31.91
N SER C 187 11.55 12.05 -31.39
CA SER C 187 12.80 11.83 -32.07
C SER C 187 12.94 10.34 -32.37
N SER C 188 13.62 10.05 -33.47
CA SER C 188 14.02 8.69 -33.83
C SER C 188 15.52 8.66 -34.12
N SER C 189 16.20 7.65 -33.57
CA SER C 189 17.64 7.50 -33.74
C SER C 189 17.97 6.14 -34.33
N VAL C 190 19.14 6.08 -34.96
CA VAL C 190 19.70 4.84 -35.49
C VAL C 190 21.22 4.86 -35.32
N THR C 191 21.76 3.78 -34.74
CA THR C 191 23.21 3.66 -34.60
C THR C 191 23.74 2.62 -35.59
N VAL C 192 24.54 3.09 -36.54
CA VAL C 192 25.07 2.26 -37.62
C VAL C 192 26.60 2.18 -37.55
N PRO C 193 27.20 1.25 -38.34
CA PRO C 193 28.66 1.20 -38.53
C PRO C 193 29.21 2.49 -39.14
N SER C 194 30.38 2.93 -38.67
CA SER C 194 31.06 4.07 -39.28
C SER C 194 31.81 3.70 -40.56
N SER C 195 31.66 2.45 -40.99
CA SER C 195 32.13 1.99 -42.30
C SER C 195 30.95 1.89 -43.28
N THR C 196 29.75 2.13 -42.76
CA THR C 196 28.52 2.16 -43.56
C THR C 196 28.14 3.60 -43.89
N TRP C 197 28.69 4.54 -43.10
CA TRP C 197 28.32 5.95 -43.18
C TRP C 197 29.52 6.78 -42.74
N PRO C 198 29.74 7.95 -43.38
CA PRO C 198 28.97 8.63 -44.45
C PRO C 198 29.02 7.95 -45.81
N SER C 199 29.63 6.77 -45.85
CA SER C 199 29.82 5.98 -47.08
C SER C 199 28.59 5.90 -47.98
N GLU C 200 27.55 5.20 -47.53
CA GLU C 200 26.30 5.10 -48.28
C GLU C 200 25.21 6.00 -47.70
N THR C 201 24.24 6.37 -48.54
CA THR C 201 23.20 7.33 -48.15
C THR C 201 22.12 6.73 -47.23
N VAL C 202 22.09 7.21 -45.98
CA VAL C 202 21.11 6.79 -44.98
C VAL C 202 19.98 7.83 -44.89
N THR C 203 18.74 7.35 -44.93
CA THR C 203 17.55 8.21 -45.04
C THR C 203 16.44 7.79 -44.07
N CYS C 204 15.78 8.77 -43.45
CA CYS C 204 14.66 8.50 -42.56
C CYS C 204 13.33 8.90 -43.18
N ASN C 205 12.41 7.94 -43.21
CA ASN C 205 11.10 8.12 -43.85
C ASN C 205 10.00 8.33 -42.83
N VAL C 206 9.43 9.53 -42.85
CA VAL C 206 8.41 9.96 -41.91
C VAL C 206 7.06 10.07 -42.61
N ALA C 207 6.05 9.43 -42.05
CA ALA C 207 4.68 9.46 -42.58
C ALA C 207 3.69 10.07 -41.57
N HIS C 208 2.60 10.63 -42.10
CA HIS C 208 1.57 11.27 -41.27
C HIS C 208 0.26 11.40 -42.03
N PRO C 209 -0.55 10.33 -42.02
CA PRO C 209 -1.79 10.17 -42.80
C PRO C 209 -2.83 11.29 -42.60
N ALA C 210 -3.00 11.75 -41.36
CA ALA C 210 -3.99 12.79 -41.07
C ALA C 210 -3.82 14.07 -41.89
N SER C 211 -2.58 14.36 -42.29
CA SER C 211 -2.28 15.49 -43.18
C SER C 211 -1.59 15.03 -44.48
N SER C 212 -1.43 13.72 -44.60
CA SER C 212 -0.84 13.09 -45.80
C SER C 212 0.57 13.62 -46.09
N THR C 213 1.52 13.33 -45.20
CA THR C 213 2.90 13.74 -45.41
C THR C 213 3.82 12.52 -45.54
N LYS C 214 4.54 12.45 -46.65
CA LYS C 214 5.64 11.49 -46.78
C LYS C 214 6.95 12.23 -47.05
N VAL C 215 7.89 12.11 -46.11
CA VAL C 215 9.17 12.79 -46.22
C VAL C 215 10.31 11.77 -46.20
N ASP C 216 11.23 11.92 -47.16
CA ASP C 216 12.54 11.29 -47.06
C ASP C 216 13.48 12.36 -46.55
N LYS C 217 14.37 11.98 -45.64
CA LYS C 217 15.38 12.93 -45.14
C LYS C 217 16.75 12.27 -45.01
N LYS C 218 17.52 12.36 -46.10
CA LYS C 218 18.90 11.91 -46.14
C LYS C 218 19.71 12.70 -45.12
N ILE C 219 20.66 12.03 -44.46
CA ILE C 219 21.42 12.65 -43.39
C ILE C 219 22.73 13.24 -43.90
N VAL C 220 22.71 14.53 -44.21
CA VAL C 220 23.88 15.29 -44.67
C VAL C 220 24.82 15.55 -43.50
N PRO C 221 26.10 15.12 -43.62
CA PRO C 221 27.13 15.33 -42.59
C PRO C 221 27.49 16.81 -42.37
N ASP D 1 -16.20 2.44 -0.77
CA ASP D 1 -15.65 1.57 -1.85
C ASP D 1 -14.63 0.62 -1.27
N ILE D 2 -14.63 -0.61 -1.77
CA ILE D 2 -13.59 -1.57 -1.46
C ILE D 2 -12.29 -1.18 -2.18
N GLN D 3 -11.25 -0.91 -1.38
CA GLN D 3 -9.92 -0.63 -1.93
C GLN D 3 -9.13 -1.90 -2.07
N MET D 4 -8.55 -2.09 -3.25
CA MET D 4 -7.65 -3.18 -3.53
C MET D 4 -6.21 -2.65 -3.50
N THR D 5 -5.40 -3.21 -2.62
CA THR D 5 -4.02 -2.81 -2.50
C THR D 5 -3.22 -3.89 -3.19
N GLN D 6 -2.61 -3.53 -4.31
CA GLN D 6 -1.88 -4.49 -5.13
C GLN D 6 -0.36 -4.29 -4.98
N SER D 7 0.35 -5.34 -4.65
CA SER D 7 1.83 -5.29 -4.49
C SER D 7 2.53 -6.49 -5.12
N PRO D 8 3.79 -6.32 -5.55
CA PRO D 8 4.51 -5.01 -5.63
C PRO D 8 4.03 -4.20 -6.85
N SER D 9 4.24 -2.88 -6.87
CA SER D 9 3.82 -2.08 -8.03
C SER D 9 4.75 -2.32 -9.23
N SER D 10 5.98 -2.69 -8.98
CA SER D 10 6.85 -2.97 -10.07
C SER D 10 7.79 -4.02 -9.59
N LEU D 11 8.19 -4.91 -10.50
CA LEU D 11 9.03 -6.06 -10.14
C LEU D 11 9.96 -6.33 -11.30
N SER D 12 11.23 -6.59 -10.99
CA SER D 12 12.16 -7.14 -11.96
C SER D 12 12.41 -8.61 -11.71
N ALA D 13 12.48 -9.38 -12.80
CA ALA D 13 12.77 -10.79 -12.70
C ALA D 13 13.43 -11.29 -13.98
N SER D 14 13.80 -12.56 -13.96
CA SER D 14 14.48 -13.20 -15.08
C SER D 14 13.66 -14.36 -15.57
N LEU D 15 13.93 -14.79 -16.81
CA LEU D 15 13.23 -15.91 -17.44
C LEU D 15 13.35 -17.11 -16.55
N GLY D 16 12.29 -17.90 -16.46
CA GLY D 16 12.37 -19.14 -15.70
C GLY D 16 12.11 -18.98 -14.21
N GLU D 17 12.16 -17.75 -13.68
CA GLU D 17 11.91 -17.51 -12.24
C GLU D 17 10.44 -17.56 -11.84
N ARG D 18 10.19 -17.75 -10.56
CA ARG D 18 8.85 -17.73 -10.05
C ARG D 18 8.57 -16.35 -9.46
N VAL D 19 7.40 -15.79 -9.76
CA VAL D 19 6.99 -14.57 -9.06
C VAL D 19 5.54 -14.69 -8.63
N SER D 20 5.17 -14.00 -7.55
CA SER D 20 3.77 -13.76 -7.32
C SER D 20 3.44 -12.38 -6.81
N LEU D 21 2.24 -11.97 -7.17
CA LEU D 21 1.74 -10.61 -6.92
C LEU D 21 0.64 -10.84 -5.93
N THR D 22 0.36 -9.81 -5.14
CA THR D 22 -0.71 -9.90 -4.16
C THR D 22 -1.66 -8.70 -4.23
N CYS D 23 -2.95 -8.97 -4.01
CA CYS D 23 -3.98 -7.99 -3.81
C CYS D 23 -4.64 -8.22 -2.44
N ARG D 24 -4.79 -7.12 -1.70
CA ARG D 24 -5.39 -7.14 -0.38
C ARG D 24 -6.62 -6.23 -0.48
N ALA D 25 -7.79 -6.77 -0.15
CA ALA D 25 -9.05 -6.05 -0.20
C ALA D 25 -9.34 -5.39 1.15
N SER D 26 -9.80 -4.14 1.14
CA SER D 26 -10.10 -3.43 2.40
C SER D 26 -11.39 -3.94 3.08
N GLN D 27 -12.16 -4.78 2.39
CA GLN D 27 -13.38 -5.38 2.92
C GLN D 27 -13.48 -6.78 2.35
N ASP D 28 -14.39 -7.59 2.90
CA ASP D 28 -14.60 -8.96 2.41
C ASP D 28 -15.10 -8.96 0.94
N ILE D 29 -14.39 -9.66 0.07
CA ILE D 29 -14.79 -9.79 -1.34
C ILE D 29 -15.13 -11.23 -1.74
N GLY D 30 -15.05 -12.17 -0.80
CA GLY D 30 -15.38 -13.58 -1.09
C GLY D 30 -14.38 -14.13 -2.10
N SER D 31 -14.85 -14.89 -3.07
CA SER D 31 -13.97 -15.45 -4.07
C SER D 31 -14.04 -14.60 -5.35
N SER D 32 -14.67 -13.44 -5.25
CA SER D 32 -15.00 -12.57 -6.40
C SER D 32 -13.83 -11.59 -6.83
N LEU D 33 -12.75 -12.17 -7.29
CA LEU D 33 -11.54 -11.44 -7.67
C LEU D 33 -11.07 -12.01 -9.02
N ASN D 34 -10.85 -11.13 -10.01
CA ASN D 34 -10.22 -11.59 -11.26
C ASN D 34 -8.79 -11.06 -11.35
N TRP D 35 -7.96 -11.76 -12.10
CA TRP D 35 -6.63 -11.24 -12.45
C TRP D 35 -6.61 -10.97 -13.91
N LEU D 36 -6.17 -9.78 -14.29
CA LEU D 36 -6.14 -9.40 -15.71
C LEU D 36 -4.69 -9.11 -16.15
N GLN D 37 -4.40 -9.34 -17.42
CA GLN D 37 -3.09 -9.06 -18.01
C GLN D 37 -3.31 -8.06 -19.12
N GLN D 38 -2.43 -7.07 -19.21
CA GLN D 38 -2.53 -6.10 -20.26
C GLN D 38 -1.22 -6.04 -21.06
N GLU D 39 -1.33 -6.21 -22.37
CA GLU D 39 -0.18 -6.23 -23.27
C GLU D 39 0.26 -4.79 -23.54
N PRO D 40 1.51 -4.60 -24.04
CA PRO D 40 1.92 -3.25 -24.45
C PRO D 40 0.96 -2.59 -25.47
N ASP D 41 0.39 -3.35 -26.41
CA ASP D 41 -0.58 -2.78 -27.37
C ASP D 41 -1.93 -2.41 -26.76
N GLY D 42 -2.12 -2.68 -25.47
CA GLY D 42 -3.37 -2.32 -24.82
C GLY D 42 -4.42 -3.40 -24.66
N THR D 43 -4.19 -4.58 -25.22
CA THR D 43 -5.10 -5.72 -25.06
C THR D 43 -5.19 -6.16 -23.59
N ILE D 44 -6.42 -6.27 -23.08
CA ILE D 44 -6.64 -6.81 -21.75
C ILE D 44 -7.21 -8.17 -21.96
N LYS D 45 -6.66 -9.13 -21.21
CA LYS D 45 -7.08 -10.51 -21.21
C LYS D 45 -7.28 -10.98 -19.75
N ARG D 46 -8.39 -11.64 -19.47
CA ARG D 46 -8.56 -12.24 -18.16
C ARG D 46 -7.73 -13.52 -18.00
N LEU D 47 -6.94 -13.64 -16.94
CA LEU D 47 -6.20 -14.89 -16.74
C LEU D 47 -6.86 -15.84 -15.74
N ILE D 48 -7.39 -15.26 -14.65
CA ILE D 48 -7.85 -16.02 -13.48
C ILE D 48 -9.22 -15.47 -13.14
N TYR D 49 -10.21 -16.35 -12.93
CA TYR D 49 -11.50 -15.89 -12.38
C TYR D 49 -11.77 -16.55 -11.03
N ALA D 50 -12.72 -15.96 -10.31
CA ALA D 50 -13.08 -16.38 -8.96
C ALA D 50 -11.82 -16.87 -8.32
N THR D 51 -10.84 -15.96 -8.12
CA THR D 51 -9.69 -16.22 -7.21
C THR D 51 -8.71 -17.18 -7.84
N SER D 52 -9.17 -18.38 -8.22
CA SER D 52 -8.23 -19.44 -8.56
C SER D 52 -8.61 -20.30 -9.74
N SER D 53 -9.62 -19.94 -10.52
CA SER D 53 -9.90 -20.72 -11.76
C SER D 53 -9.25 -20.12 -12.97
N LEU D 54 -8.57 -20.96 -13.74
CA LEU D 54 -7.83 -20.55 -14.90
C LEU D 54 -8.79 -20.40 -16.08
N ASP D 55 -8.75 -19.26 -16.77
CA ASP D 55 -9.51 -19.11 -18.04
C ASP D 55 -9.03 -20.14 -19.08
N SER D 56 -9.93 -20.53 -19.98
CA SER D 56 -9.60 -21.41 -21.13
C SER D 56 -8.44 -20.86 -21.97
N GLY D 57 -7.49 -21.73 -22.31
CA GLY D 57 -6.37 -21.35 -23.16
C GLY D 57 -5.24 -20.61 -22.44
N VAL D 58 -5.46 -20.23 -21.17
CA VAL D 58 -4.42 -19.58 -20.37
C VAL D 58 -3.41 -20.65 -19.98
N PRO D 59 -2.11 -20.37 -20.17
CA PRO D 59 -1.10 -21.40 -19.87
C PRO D 59 -1.07 -21.73 -18.38
N LYS D 60 -0.68 -22.97 -18.10
CA LYS D 60 -0.71 -23.59 -16.79
C LYS D 60 0.23 -22.99 -15.79
N ARG D 61 1.27 -22.33 -16.27
CA ARG D 61 2.17 -21.57 -15.41
C ARG D 61 1.52 -20.43 -14.60
N PHE D 62 0.37 -19.94 -15.01
CA PHE D 62 -0.41 -18.98 -14.18
C PHE D 62 -1.26 -19.74 -13.16
N SER D 63 -1.34 -19.23 -11.93
CA SER D 63 -2.35 -19.70 -10.97
C SER D 63 -2.78 -18.60 -9.98
N GLY D 64 -4.00 -18.74 -9.49
CA GLY D 64 -4.54 -17.85 -8.47
C GLY D 64 -4.70 -18.61 -7.18
N SER D 65 -4.50 -17.91 -6.07
CA SER D 65 -4.79 -18.48 -4.77
C SER D 65 -5.20 -17.43 -3.73
N ARG D 66 -5.59 -17.94 -2.58
CA ARG D 66 -6.00 -17.12 -1.48
C ARG D 66 -5.42 -17.66 -0.18
N SER D 67 -4.91 -16.73 0.60
CA SER D 67 -4.45 -17.01 1.94
C SER D 67 -5.06 -15.92 2.80
N GLY D 68 -6.17 -16.22 3.45
CA GLY D 68 -6.86 -15.22 4.27
C GLY D 68 -7.46 -14.11 3.42
N SER D 69 -7.10 -12.86 3.70
CA SER D 69 -7.61 -11.79 2.86
C SER D 69 -6.56 -11.29 1.81
N ASP D 70 -5.52 -12.10 1.62
CA ASP D 70 -4.55 -11.94 0.52
C ASP D 70 -4.87 -12.83 -0.70
N TYR D 71 -4.97 -12.18 -1.84
CA TYR D 71 -5.27 -12.85 -3.08
C TYR D 71 -4.01 -12.71 -3.94
N SER D 72 -3.58 -13.85 -4.49
CA SER D 72 -2.29 -13.96 -5.14
C SER D 72 -2.39 -14.49 -6.57
N LEU D 73 -1.54 -13.95 -7.44
CA LEU D 73 -1.36 -14.44 -8.79
C LEU D 73 0.07 -14.94 -8.85
N THR D 74 0.25 -16.20 -9.21
CA THR D 74 1.60 -16.80 -9.28
C THR D 74 1.89 -17.19 -10.73
N ILE D 75 3.11 -16.85 -11.18
CA ILE D 75 3.62 -17.34 -12.41
C ILE D 75 4.80 -18.21 -12.00
N SER D 76 4.63 -19.52 -12.14
CA SER D 76 5.62 -20.49 -11.66
C SER D 76 6.97 -20.35 -12.39
N ARG D 77 6.93 -20.16 -13.70
CA ARG D 77 8.14 -19.98 -14.54
C ARG D 77 7.99 -18.86 -15.59
N LEU D 78 8.76 -17.78 -15.49
CA LEU D 78 8.55 -16.65 -16.42
C LEU D 78 9.05 -16.92 -17.83
N GLU D 79 8.21 -16.61 -18.82
CA GLU D 79 8.60 -16.57 -20.24
C GLU D 79 8.62 -15.11 -20.71
N SER D 80 9.24 -14.87 -21.86
CA SER D 80 9.51 -13.51 -22.28
C SER D 80 8.20 -12.74 -22.51
N GLU D 81 7.15 -13.43 -22.96
CA GLU D 81 5.88 -12.71 -23.15
C GLU D 81 5.15 -12.34 -21.84
N ASP D 82 5.61 -12.86 -20.69
CA ASP D 82 4.93 -12.59 -19.40
C ASP D 82 5.27 -11.23 -18.83
N PHE D 83 6.25 -10.55 -19.41
CA PHE D 83 6.75 -9.32 -18.83
C PHE D 83 5.94 -8.10 -19.26
N VAL D 84 4.69 -8.05 -18.76
CA VAL D 84 3.70 -7.04 -19.09
C VAL D 84 3.05 -6.53 -17.79
N ASP D 85 1.85 -5.97 -17.87
CA ASP D 85 1.20 -5.39 -16.72
C ASP D 85 0.06 -6.30 -16.28
N TYR D 86 -0.22 -6.32 -14.98
CA TYR D 86 -1.23 -7.21 -14.39
C TYR D 86 -2.06 -6.40 -13.41
N TYR D 87 -3.37 -6.61 -13.42
CA TYR D 87 -4.25 -5.94 -12.49
C TYR D 87 -5.17 -6.96 -11.86
N CYS D 88 -5.45 -6.80 -10.57
CA CYS D 88 -6.55 -7.53 -10.00
C CYS D 88 -7.78 -6.64 -10.01
N LEU D 89 -8.94 -7.29 -10.02
CA LEU D 89 -10.24 -6.62 -10.08
C LEU D 89 -11.20 -7.36 -9.13
N GLN D 90 -11.79 -6.62 -8.18
CA GLN D 90 -12.87 -7.18 -7.34
C GLN D 90 -14.23 -6.86 -7.96
N TYR D 91 -15.07 -7.88 -8.07
CA TYR D 91 -16.44 -7.72 -8.54
C TYR D 91 -17.40 -8.18 -7.46
N ALA D 92 -16.96 -8.09 -6.20
CA ALA D 92 -17.84 -8.47 -5.12
C ALA D 92 -18.97 -7.45 -5.01
N THR D 93 -18.62 -6.17 -4.93
CA THR D 93 -19.64 -5.14 -4.70
C THR D 93 -19.32 -3.86 -5.49
N SER D 94 -20.33 -3.25 -6.11
CA SER D 94 -20.05 -2.03 -6.86
C SER D 94 -19.96 -0.84 -5.89
N PRO D 95 -19.18 0.19 -6.25
CA PRO D 95 -18.40 0.31 -7.49
C PRO D 95 -17.31 -0.75 -7.62
N TYR D 96 -17.12 -1.32 -8.80
CA TYR D 96 -16.04 -2.31 -8.94
C TYR D 96 -14.72 -1.61 -8.94
N THR D 97 -13.70 -2.25 -8.37
CA THR D 97 -12.43 -1.60 -8.20
C THR D 97 -11.25 -2.50 -8.56
N PHE D 98 -10.22 -1.89 -9.12
CA PHE D 98 -8.99 -2.56 -9.53
C PHE D 98 -7.86 -2.27 -8.54
N GLY D 99 -6.91 -3.19 -8.40
CA GLY D 99 -5.62 -2.85 -7.80
C GLY D 99 -4.91 -1.86 -8.71
N GLY D 100 -3.88 -1.20 -8.19
CA GLY D 100 -3.12 -0.19 -8.93
C GLY D 100 -2.23 -0.79 -10.00
N GLY D 101 -2.07 -2.12 -10.06
CA GLY D 101 -1.28 -2.74 -11.11
C GLY D 101 0.14 -3.10 -10.70
N THR D 102 0.76 -3.95 -11.51
CA THR D 102 2.16 -4.34 -11.39
C THR D 102 2.72 -4.37 -12.80
N LYS D 103 3.88 -3.77 -13.01
CA LYS D 103 4.55 -3.87 -14.31
C LYS D 103 5.70 -4.84 -14.13
N LEU D 104 5.77 -5.86 -14.97
CA LEU D 104 6.83 -6.83 -14.85
C LEU D 104 7.88 -6.47 -15.89
N GLU D 105 9.11 -6.29 -15.44
CA GLU D 105 10.27 -6.03 -16.33
C GLU D 105 11.40 -7.08 -16.22
N ILE D 106 12.17 -7.29 -17.30
CA ILE D 106 13.26 -8.28 -17.26
C ILE D 106 14.53 -7.76 -16.60
N LYS D 107 15.13 -8.61 -15.79
CA LYS D 107 16.40 -8.32 -15.14
C LYS D 107 17.54 -8.61 -16.13
N ARG D 108 18.44 -7.64 -16.30
CA ARG D 108 19.71 -7.84 -17.05
C ARG D 108 20.91 -7.19 -16.33
N ALA D 109 22.08 -7.16 -16.98
CA ALA D 109 23.25 -6.49 -16.40
C ALA D 109 23.15 -4.97 -16.52
N ASP D 110 23.74 -4.26 -15.56
CA ASP D 110 23.90 -2.80 -15.66
C ASP D 110 24.57 -2.38 -16.96
N ALA D 111 24.11 -1.27 -17.53
CA ALA D 111 24.69 -0.72 -18.77
C ALA D 111 24.60 0.80 -18.76
N ALA D 112 25.70 1.45 -19.13
CA ALA D 112 25.75 2.91 -19.24
C ALA D 112 25.19 3.37 -20.58
N PRO D 113 24.57 4.57 -20.61
CA PRO D 113 23.94 5.09 -21.83
C PRO D 113 24.93 5.58 -22.89
N THR D 114 24.84 5.00 -24.09
CA THR D 114 25.50 5.51 -25.28
C THR D 114 24.92 6.88 -25.61
N VAL D 115 25.69 7.93 -25.36
CA VAL D 115 25.17 9.28 -25.56
C VAL D 115 25.58 9.92 -26.88
N SER D 116 24.60 10.49 -27.57
CA SER D 116 24.82 11.26 -28.77
C SER D 116 24.22 12.65 -28.54
N ILE D 117 24.89 13.66 -29.10
CA ILE D 117 24.46 15.06 -28.99
C ILE D 117 24.37 15.67 -30.39
N PHE D 118 23.42 16.59 -30.59
CA PHE D 118 23.14 17.08 -31.93
C PHE D 118 22.81 18.56 -32.00
N PRO D 119 23.50 19.29 -32.90
CA PRO D 119 23.15 20.67 -33.26
C PRO D 119 21.81 20.69 -34.00
N PRO D 120 21.05 21.81 -33.88
CA PRO D 120 19.77 21.94 -34.60
C PRO D 120 20.02 22.08 -36.10
N SER D 121 19.05 21.66 -36.91
CA SER D 121 19.23 21.65 -38.35
C SER D 121 19.16 23.06 -38.96
N SER D 122 19.93 23.28 -40.03
CA SER D 122 19.88 24.55 -40.77
C SER D 122 18.48 24.88 -41.28
N GLU D 123 17.71 23.84 -41.63
CA GLU D 123 16.29 24.01 -41.99
C GLU D 123 15.47 24.61 -40.85
N GLN D 124 15.75 24.13 -39.63
CA GLN D 124 15.10 24.60 -38.41
C GLN D 124 15.67 25.95 -37.97
N LEU D 125 16.93 26.21 -38.33
CA LEU D 125 17.54 27.51 -38.08
C LEU D 125 16.84 28.61 -38.89
N THR D 126 16.22 28.23 -40.02
CA THR D 126 15.42 29.14 -40.84
C THR D 126 14.13 29.56 -40.12
N SER D 127 13.46 28.58 -39.51
CA SER D 127 12.11 28.77 -38.96
C SER D 127 12.00 29.77 -37.81
N GLY D 128 13.09 29.95 -37.06
CA GLY D 128 13.09 30.84 -35.89
C GLY D 128 13.16 30.11 -34.55
N GLY D 129 13.43 28.81 -34.60
CA GLY D 129 13.53 27.99 -33.38
C GLY D 129 14.64 26.95 -33.48
N ALA D 130 15.30 26.70 -32.35
CA ALA D 130 16.44 25.78 -32.29
C ALA D 130 16.21 24.60 -31.34
N SER D 131 16.55 23.40 -31.80
CA SER D 131 16.47 22.20 -30.93
C SER D 131 17.77 21.39 -30.84
N VAL D 132 18.31 21.36 -29.64
CA VAL D 132 19.44 20.51 -29.32
C VAL D 132 18.88 19.16 -28.85
N VAL D 133 19.27 18.08 -29.53
CA VAL D 133 18.83 16.74 -29.20
C VAL D 133 19.97 15.89 -28.61
N CYS D 134 19.68 15.21 -27.51
CA CYS D 134 20.64 14.37 -26.81
C CYS D 134 20.07 12.97 -26.60
N PHE D 135 20.63 11.98 -27.29
CA PHE D 135 20.18 10.58 -27.14
C PHE D 135 21.01 9.82 -26.09
N LEU D 136 20.33 9.23 -25.11
CA LEU D 136 20.96 8.38 -24.09
C LEU D 136 20.46 6.97 -24.35
N ASN D 137 21.19 6.22 -25.16
CA ASN D 137 20.70 4.94 -25.71
C ASN D 137 21.23 3.70 -25.00
N ASN D 138 20.39 2.67 -25.00
CA ASN D 138 20.73 1.33 -24.51
C ASN D 138 21.31 1.24 -23.13
N PHE D 139 20.63 1.81 -22.13
CA PHE D 139 21.10 1.65 -20.76
C PHE D 139 20.22 0.72 -19.89
N TYR D 140 20.76 0.34 -18.72
CA TYR D 140 20.01 -0.40 -17.69
C TYR D 140 20.64 -0.17 -16.31
N PRO D 141 19.82 0.08 -15.27
CA PRO D 141 18.35 0.08 -15.22
C PRO D 141 17.76 1.44 -15.63
N LYS D 142 16.44 1.52 -15.70
CA LYS D 142 15.77 2.65 -16.34
C LYS D 142 16.02 3.99 -15.65
N ASP D 143 16.17 3.99 -14.32
CA ASP D 143 16.39 5.22 -13.58
C ASP D 143 17.61 5.99 -14.11
N ILE D 144 17.37 7.24 -14.55
CA ILE D 144 18.42 8.07 -15.14
C ILE D 144 18.14 9.58 -14.96
N ASN D 145 19.19 10.40 -15.01
CA ASN D 145 19.05 11.84 -14.80
C ASN D 145 19.72 12.69 -15.87
N VAL D 146 18.98 13.69 -16.33
CA VAL D 146 19.44 14.55 -17.43
C VAL D 146 19.58 16.02 -17.02
N LYS D 147 20.78 16.57 -17.24
CA LYS D 147 21.07 17.99 -17.02
C LYS D 147 21.63 18.67 -18.26
N TRP D 148 21.32 19.95 -18.43
CA TRP D 148 21.78 20.72 -19.59
C TRP D 148 22.74 21.81 -19.25
N LYS D 149 23.84 21.87 -20.01
CA LYS D 149 24.88 22.87 -19.82
C LYS D 149 25.03 23.79 -21.03
N ILE D 150 24.59 25.04 -20.86
CA ILE D 150 24.84 26.11 -21.82
C ILE D 150 25.79 27.12 -21.18
N ASP D 151 27.02 27.19 -21.71
CA ASP D 151 28.09 28.03 -21.16
C ASP D 151 28.62 27.49 -19.82
N GLY D 152 28.21 26.27 -19.47
CA GLY D 152 28.52 25.69 -18.17
C GLY D 152 27.50 26.05 -17.10
N SER D 153 26.37 26.62 -17.53
CA SER D 153 25.31 27.06 -16.62
C SER D 153 24.25 25.98 -16.44
N GLU D 154 23.41 26.16 -15.42
CA GLU D 154 22.26 25.28 -15.19
C GLU D 154 21.10 25.71 -16.07
N ARG D 155 20.57 24.79 -16.88
CA ARG D 155 19.45 25.07 -17.79
C ARG D 155 18.36 24.00 -17.69
N GLN D 156 17.11 24.43 -17.54
CA GLN D 156 15.97 23.53 -17.27
C GLN D 156 14.70 23.78 -18.11
N ASN D 157 14.38 25.06 -18.37
CA ASN D 157 13.19 25.40 -19.15
C ASN D 157 13.33 25.13 -20.64
N GLY D 158 12.22 24.70 -21.26
CA GLY D 158 12.20 24.37 -22.69
C GLY D 158 12.71 22.98 -23.01
N VAL D 159 12.93 22.17 -21.97
CA VAL D 159 13.46 20.80 -22.11
C VAL D 159 12.37 19.73 -22.03
N LEU D 160 12.42 18.80 -22.98
CA LEU D 160 11.45 17.71 -23.06
C LEU D 160 12.12 16.36 -22.97
N ASN D 161 11.64 15.53 -22.04
CA ASN D 161 12.14 14.17 -21.87
C ASN D 161 11.12 13.15 -22.35
N SER D 162 11.59 12.13 -23.08
CA SER D 162 10.76 11.03 -23.55
C SER D 162 11.53 9.71 -23.33
N TRP D 163 10.83 8.65 -22.90
CA TRP D 163 11.47 7.36 -22.65
C TRP D 163 10.86 6.26 -23.46
N THR D 164 11.66 5.29 -23.89
CA THR D 164 11.10 4.08 -24.52
C THR D 164 10.65 3.10 -23.43
N ASP D 165 10.03 2.01 -23.85
CA ASP D 165 9.71 0.91 -22.96
C ASP D 165 10.94 0.01 -23.01
N GLN D 166 11.12 -0.90 -22.05
CA GLN D 166 12.22 -1.87 -22.13
C GLN D 166 12.28 -2.48 -23.53
N ASP D 167 13.48 -2.60 -24.08
CA ASP D 167 13.65 -3.15 -25.42
C ASP D 167 13.54 -4.67 -25.45
N SER D 168 12.86 -5.20 -26.46
CA SER D 168 12.56 -6.62 -26.56
C SER D 168 13.68 -7.46 -27.18
N LYS D 169 14.82 -6.81 -27.47
CA LYS D 169 15.99 -7.50 -28.03
C LYS D 169 17.17 -7.55 -27.07
N ASP D 170 17.37 -6.50 -26.27
CA ASP D 170 18.47 -6.50 -25.30
C ASP D 170 18.11 -6.13 -23.87
N SER D 171 16.82 -5.82 -23.63
CA SER D 171 16.31 -5.49 -22.29
C SER D 171 16.81 -4.15 -21.74
N THR D 172 17.23 -3.25 -22.61
CA THR D 172 17.66 -1.92 -22.19
C THR D 172 16.55 -0.93 -22.39
N TYR D 173 16.70 0.21 -21.74
CA TYR D 173 15.89 1.40 -21.96
C TYR D 173 16.66 2.45 -22.75
N SER D 174 15.94 3.28 -23.50
CA SER D 174 16.53 4.46 -24.10
C SER D 174 15.72 5.66 -23.71
N MET D 175 16.41 6.80 -23.59
CA MET D 175 15.78 8.06 -23.27
C MET D 175 16.28 9.06 -24.29
N SER D 176 15.51 10.12 -24.47
CA SER D 176 15.94 11.22 -25.33
C SER D 176 15.52 12.51 -24.68
N SER D 177 16.37 13.54 -24.79
CA SER D 177 16.10 14.86 -24.23
C SER D 177 16.29 15.96 -25.28
N THR D 178 15.34 16.88 -25.32
CA THR D 178 15.33 17.95 -26.31
C THR D 178 15.14 19.31 -25.67
N LEU D 179 15.95 20.27 -26.11
CA LEU D 179 15.96 21.63 -25.58
C LEU D 179 15.58 22.58 -26.72
N THR D 180 14.41 23.23 -26.58
CA THR D 180 13.94 24.12 -27.64
C THR D 180 14.08 25.60 -27.27
N LEU D 181 15.22 26.19 -27.63
CA LEU D 181 15.45 27.62 -27.47
C LEU D 181 15.04 28.35 -28.74
N THR D 182 14.45 29.53 -28.60
CA THR D 182 14.19 30.41 -29.74
C THR D 182 15.52 30.85 -30.35
N LYS D 183 15.62 30.82 -31.68
CA LYS D 183 16.88 31.09 -32.41
C LYS D 183 17.75 32.22 -31.82
N ASP D 184 17.11 33.33 -31.46
CA ASP D 184 17.81 34.50 -30.91
C ASP D 184 18.36 34.27 -29.50
N GLU D 185 17.69 33.38 -28.76
CA GLU D 185 18.13 32.96 -27.43
C GLU D 185 19.27 31.93 -27.55
N TYR D 186 19.26 31.17 -28.65
CA TYR D 186 20.28 30.17 -28.97
C TYR D 186 21.60 30.82 -29.38
N GLU D 187 21.51 32.03 -29.93
CA GLU D 187 22.67 32.77 -30.44
C GLU D 187 23.51 33.45 -29.35
N ARG D 188 22.85 34.03 -28.36
CA ARG D 188 23.54 34.71 -27.25
C ARG D 188 24.58 33.78 -26.61
N HIS D 189 24.20 32.50 -26.52
CA HIS D 189 24.94 31.51 -25.76
C HIS D 189 25.92 30.74 -26.61
N ASN D 190 26.80 30.00 -25.94
CA ASN D 190 28.02 29.49 -26.58
C ASN D 190 28.13 27.97 -26.64
N SER D 191 28.30 27.32 -25.49
CA SER D 191 28.60 25.88 -25.42
C SER D 191 27.38 24.99 -25.15
N TYR D 192 27.42 23.77 -25.67
CA TYR D 192 26.33 22.81 -25.48
C TYR D 192 26.78 21.42 -25.00
N THR D 193 26.16 21.00 -23.90
CA THR D 193 26.46 19.74 -23.24
C THR D 193 25.20 19.17 -22.58
N CYS D 194 24.98 17.87 -22.71
CA CYS D 194 23.98 17.20 -21.90
C CYS D 194 24.66 16.27 -20.90
N GLU D 195 24.43 16.52 -19.61
CA GLU D 195 24.95 15.67 -18.54
C GLU D 195 24.06 14.45 -18.25
N ALA D 196 24.50 13.28 -18.68
CA ALA D 196 23.79 12.02 -18.41
C ALA D 196 24.36 11.31 -17.17
N THR D 197 23.57 11.27 -16.10
CA THR D 197 24.04 10.67 -14.85
C THR D 197 23.27 9.38 -14.45
N HIS D 198 24.01 8.28 -14.24
CA HIS D 198 23.43 6.94 -14.14
C HIS D 198 24.00 6.13 -12.99
N LYS D 199 23.41 4.96 -12.72
CA LYS D 199 23.92 4.04 -11.70
C LYS D 199 25.31 3.47 -12.01
N THR D 200 25.57 3.17 -13.28
CA THR D 200 26.85 2.59 -13.72
C THR D 200 28.04 3.54 -13.55
N SER D 201 27.74 4.83 -13.41
CA SER D 201 28.77 5.87 -13.42
C SER D 201 28.62 6.85 -12.27
N THR D 202 29.55 6.77 -11.32
CA THR D 202 29.66 7.77 -10.25
C THR D 202 30.07 9.14 -10.83
N SER D 203 30.96 9.11 -11.83
CA SER D 203 31.27 10.29 -12.61
C SER D 203 30.37 10.32 -13.85
N PRO D 204 29.58 11.41 -14.00
CA PRO D 204 28.65 11.65 -15.11
C PRO D 204 29.22 11.43 -16.51
N ILE D 205 28.32 11.23 -17.48
CA ILE D 205 28.71 11.27 -18.88
C ILE D 205 28.46 12.66 -19.43
N VAL D 206 29.38 13.12 -20.28
CA VAL D 206 29.24 14.39 -20.96
C VAL D 206 29.56 14.19 -22.45
N LYS D 207 28.65 14.63 -23.31
CA LYS D 207 28.97 14.92 -24.70
C LYS D 207 28.88 16.43 -24.84
N SER D 208 29.71 17.01 -25.71
CA SER D 208 29.84 18.46 -25.79
C SER D 208 30.10 18.99 -27.20
N PHE D 209 29.60 20.20 -27.47
CA PHE D 209 29.86 20.92 -28.72
C PHE D 209 29.53 22.42 -28.59
N ASN D 210 30.34 23.28 -29.22
CA ASN D 210 30.07 24.73 -29.32
C ASN D 210 29.60 25.10 -30.73
N ARG D 211 28.70 26.07 -30.85
CA ARG D 211 28.26 26.60 -32.15
C ARG D 211 29.33 27.50 -32.78
#